data_7F1Y
#
_entry.id   7F1Y
#
_cell.length_a   132.298
_cell.length_b   132.298
_cell.length_c   91.231
_cell.angle_alpha   90.00
_cell.angle_beta   90.00
_cell.angle_gamma   90.00
#
_symmetry.space_group_name_H-M   'I 4'
#
loop_
_entity.id
_entity.type
_entity.pdbx_description
1 polymer 'Lactate oxidase'
2 non-polymer 'ACETATE ION'
3 non-polymer 'FLAVIN MONONUCLEOTIDE'
4 non-polymer 1,2-ETHANEDIOL
5 water water
#
_entity_poly.entity_id   1
_entity_poly.type   'polypeptide(L)'
_entity_poly.pdbx_seq_one_letter_code
;EYNAPSEIKYIDVVNTYDLEEEASKVVPHGGFNYIAGASGDEWTKRANDRAWKHKLLYPRLAQDVEAPDTSTEILGHKIK
APFIMAPIAAHGLAHTTKEAGTARAVSEFGTIMSISAYSGATFEEISEGLNGGPRWFQIYMAKDDQQNRDILDEAKSDGA
TAIILTADSTVSGNRDRDVKNKFVYPFGMPIVQRYLRGTAEGMSLNNIYGASKQKISPRDIEEIAAHSGLPVFVKGIQHP
EDADMAIKRGASGIWVSNHGARQLYEAPGSFDTLPAIAERVNKRVPIVFDSGVRRGEHVAKALASGADVVALGRPVLFGL
ALGGWQGAYSVLDYFQKDLTRVMQLTGSQNVEDLKGLDLFDNPYGYEY
;
_entity_poly.pdbx_strand_id   A,B
#
loop_
_chem_comp.id
_chem_comp.type
_chem_comp.name
_chem_comp.formula
ACT non-polymer 'ACETATE ION' 'C2 H3 O2 -1'
EDO non-polymer 1,2-ETHANEDIOL 'C2 H6 O2'
FMN non-polymer 'FLAVIN MONONUCLEOTIDE' 'C17 H21 N4 O9 P'
#
# COMPACT_ATOMS: atom_id res chain seq x y z
N GLU A 1 12.59 50.46 -2.81
CA GLU A 1 11.99 49.25 -2.18
C GLU A 1 12.59 48.00 -2.83
N TYR A 2 11.90 46.86 -2.73
CA TYR A 2 12.37 45.54 -3.19
C TYR A 2 12.09 45.41 -4.69
N ASN A 3 13.13 45.27 -5.48
CA ASN A 3 13.06 45.27 -6.97
C ASN A 3 13.06 43.81 -7.45
N ALA A 4 11.94 43.09 -7.31
CA ALA A 4 11.89 41.70 -7.79
C ALA A 4 11.81 41.68 -9.33
N PRO A 5 12.34 40.62 -9.96
CA PRO A 5 12.18 40.42 -11.39
C PRO A 5 10.70 40.43 -11.81
N SER A 6 10.40 40.87 -13.03
CA SER A 6 9.02 40.99 -13.55
C SER A 6 8.85 40.37 -14.95
N GLU A 7 9.91 39.91 -15.58
CA GLU A 7 9.84 39.37 -16.95
C GLU A 7 9.10 38.03 -16.92
N ILE A 8 8.27 37.81 -17.92
CA ILE A 8 7.54 36.53 -18.13
C ILE A 8 8.09 35.90 -19.41
N LYS A 9 8.65 34.72 -19.31
CA LYS A 9 9.19 34.03 -20.50
C LYS A 9 9.42 32.57 -20.18
N TYR A 10 9.30 31.73 -21.19
CA TYR A 10 9.73 30.35 -21.06
C TYR A 10 11.24 30.33 -21.00
N ILE A 11 11.78 29.32 -20.36
CA ILE A 11 13.25 29.10 -20.23
C ILE A 11 13.60 27.66 -20.59
N ASP A 12 14.77 27.49 -21.21
CA ASP A 12 15.27 26.15 -21.59
C ASP A 12 15.96 25.54 -20.38
N VAL A 13 15.27 24.69 -19.65
CA VAL A 13 15.82 24.10 -18.40
C VAL A 13 16.51 22.80 -18.80
N VAL A 14 17.80 22.82 -18.65
CA VAL A 14 18.66 21.65 -18.95
C VAL A 14 18.96 20.94 -17.62
N ASN A 15 19.11 21.69 -16.52
CA ASN A 15 19.13 21.08 -15.16
C ASN A 15 18.72 22.12 -14.14
N THR A 16 18.29 21.71 -12.96
CA THR A 16 17.73 22.64 -11.98
C THR A 16 18.82 23.25 -11.12
N TYR A 17 19.99 22.65 -11.09
CA TYR A 17 21.07 23.18 -10.25
C TYR A 17 21.50 24.54 -10.78
N ASP A 18 21.61 24.63 -12.10
CA ASP A 18 22.07 25.88 -12.74
C ASP A 18 21.03 26.99 -12.53
N LEU A 19 19.76 26.70 -12.22
CA LEU A 19 18.75 27.75 -11.97
C LEU A 19 19.11 28.62 -10.78
N GLU A 20 19.72 28.03 -9.75
CA GLU A 20 20.06 28.75 -8.50
C GLU A 20 21.00 29.90 -8.87
N GLU A 21 22.11 29.58 -9.54
CA GLU A 21 23.15 30.59 -9.88
C GLU A 21 22.52 31.57 -10.86
N GLU A 22 21.69 31.12 -11.81
CA GLU A 22 21.02 32.07 -12.74
C GLU A 22 20.08 32.99 -11.95
N ALA A 23 19.24 32.47 -11.04
CA ALA A 23 18.35 33.31 -10.25
C ALA A 23 19.14 34.29 -9.35
N SER A 24 20.32 33.91 -8.85
CA SER A 24 21.17 34.77 -7.98
C SER A 24 21.52 36.06 -8.74
N LYS A 25 21.50 36.04 -10.08
CA LYS A 25 21.88 37.22 -10.89
C LYS A 25 20.71 38.19 -11.03
N VAL A 26 19.45 37.78 -10.78
CA VAL A 26 18.25 38.62 -11.03
C VAL A 26 17.47 38.92 -9.75
N VAL A 27 17.64 38.12 -8.70
CA VAL A 27 16.91 38.30 -7.42
C VAL A 27 17.78 39.15 -6.51
N PRO A 28 17.21 40.18 -5.86
CA PRO A 28 17.95 40.93 -4.84
C PRO A 28 18.62 40.02 -3.81
N HIS A 29 19.84 40.38 -3.39
CA HIS A 29 20.74 39.50 -2.57
C HIS A 29 19.99 38.97 -1.34
N GLY A 30 19.32 39.85 -0.61
CA GLY A 30 18.64 39.49 0.65
C GLY A 30 17.58 38.43 0.39
N GLY A 31 16.72 38.70 -0.58
CA GLY A 31 15.65 37.75 -0.98
C GLY A 31 16.26 36.47 -1.49
N PHE A 32 17.32 36.53 -2.26
CA PHE A 32 17.91 35.31 -2.82
C PHE A 32 18.43 34.43 -1.68
N ASN A 33 19.18 35.02 -0.76
CA ASN A 33 19.77 34.22 0.35
C ASN A 33 18.64 33.65 1.21
N TYR A 34 17.53 34.34 1.40
CA TYR A 34 16.36 33.82 2.14
C TYR A 34 15.94 32.51 1.44
N ILE A 35 15.81 32.55 0.12
CA ILE A 35 15.30 31.38 -0.64
C ILE A 35 16.34 30.26 -0.66
N ALA A 36 17.58 30.52 -1.04
CA ALA A 36 18.60 29.50 -1.27
C ALA A 36 19.15 28.94 0.03
N GLY A 37 19.21 29.74 1.08
CA GLY A 37 19.89 29.36 2.32
C GLY A 37 19.22 28.24 3.11
N ALA A 38 19.97 27.79 4.08
CA ALA A 38 19.50 26.70 4.96
C ALA A 38 20.25 26.81 6.29
N SER A 39 19.94 25.93 7.23
CA SER A 39 20.44 26.04 8.62
C SER A 39 21.93 25.73 8.70
N GLY A 40 22.56 26.29 9.74
CA GLY A 40 23.98 26.06 10.03
C GLY A 40 24.85 26.44 8.85
N ASP A 41 25.82 25.61 8.46
CA ASP A 41 26.71 25.77 7.30
C ASP A 41 26.15 25.01 6.09
N GLU A 42 24.88 24.67 6.13
CA GLU A 42 24.19 24.04 4.98
C GLU A 42 24.59 22.57 4.81
N TRP A 43 25.24 21.95 5.80
CA TRP A 43 25.57 20.54 5.73
C TRP A 43 24.30 19.73 5.47
N THR A 44 23.22 19.98 6.14
CA THR A 44 22.04 19.11 5.97
C THR A 44 21.36 19.41 4.64
N LYS A 45 21.49 20.63 4.05
CA LYS A 45 20.97 20.87 2.68
C LYS A 45 21.80 20.02 1.71
N ARG A 46 23.09 19.96 1.88
CA ARG A 46 23.99 19.15 1.03
C ARG A 46 23.63 17.70 1.29
N ALA A 47 23.30 17.31 2.50
CA ALA A 47 22.89 15.95 2.79
C ALA A 47 21.63 15.62 1.99
N ASN A 48 20.68 16.54 1.93
CA ASN A 48 19.46 16.32 1.14
C ASN A 48 19.83 15.96 -0.29
N ASP A 49 20.81 16.63 -0.86
CA ASP A 49 21.23 16.40 -2.24
C ASP A 49 22.02 15.10 -2.38
N ARG A 50 22.92 14.86 -1.48
CA ARG A 50 23.84 13.70 -1.59
C ARG A 50 23.09 12.43 -1.27
N ALA A 51 21.99 12.50 -0.52
CA ALA A 51 21.27 11.28 -0.17
C ALA A 51 20.79 10.51 -1.41
N TRP A 52 20.53 11.21 -2.49
CA TRP A 52 20.06 10.54 -3.74
C TRP A 52 21.10 9.54 -4.23
N LYS A 53 22.35 9.74 -3.92
CA LYS A 53 23.37 8.80 -4.40
C LYS A 53 23.48 7.57 -3.52
N HIS A 54 22.74 7.48 -2.45
CA HIS A 54 22.73 6.30 -1.57
C HIS A 54 21.99 5.13 -2.16
N LYS A 55 21.03 5.40 -3.03
CA LYS A 55 20.18 4.39 -3.67
C LYS A 55 20.17 4.71 -5.14
N LEU A 56 20.66 3.77 -5.96
CA LEU A 56 20.92 4.05 -7.38
C LEU A 56 19.95 3.30 -8.25
N LEU A 57 19.62 3.86 -9.38
CA LEU A 57 18.66 3.22 -10.28
C LEU A 57 19.36 2.20 -11.16
N TYR A 58 18.67 1.11 -11.45
CA TYR A 58 19.09 0.14 -12.49
C TYR A 58 18.36 0.39 -13.77
N PRO A 59 19.04 0.33 -14.90
CA PRO A 59 18.35 0.23 -16.17
C PRO A 59 17.78 -1.18 -16.21
N ARG A 60 16.60 -1.37 -16.77
CA ARG A 60 15.86 -2.64 -16.74
C ARG A 60 15.13 -2.82 -18.08
N LEU A 61 15.01 -4.07 -18.51
CA LEU A 61 14.24 -4.41 -19.72
C LEU A 61 12.79 -3.98 -19.50
N ALA A 62 12.12 -3.68 -20.59
CA ALA A 62 10.68 -3.36 -20.60
C ALA A 62 9.89 -4.64 -20.56
N GLN A 63 8.65 -4.56 -20.05
CA GLN A 63 7.66 -5.68 -20.00
C GLN A 63 6.31 -5.24 -20.56
N ASP A 64 6.23 -4.06 -21.21
CA ASP A 64 5.00 -3.46 -21.79
C ASP A 64 5.43 -2.70 -23.04
N VAL A 65 4.52 -2.55 -24.03
CA VAL A 65 4.89 -1.92 -25.32
C VAL A 65 4.55 -0.41 -25.37
N GLU A 66 3.78 0.11 -24.41
CA GLU A 66 3.25 1.50 -24.50
C GLU A 66 4.33 2.53 -24.10
N ALA A 67 4.26 3.77 -24.62
CA ALA A 67 5.16 4.87 -24.24
C ALA A 67 4.86 5.21 -22.78
N PRO A 68 5.83 5.81 -22.06
CA PRO A 68 5.59 6.13 -20.67
C PRO A 68 4.53 7.19 -20.50
N ASP A 69 3.78 7.03 -19.43
CA ASP A 69 2.71 7.95 -19.00
C ASP A 69 3.02 8.36 -17.55
N THR A 70 3.17 9.64 -17.28
CA THR A 70 3.52 10.14 -15.94
C THR A 70 2.28 10.42 -15.09
N SER A 71 1.09 10.19 -15.59
CA SER A 71 -0.09 10.63 -14.83
C SER A 71 -0.24 9.85 -13.53
N THR A 72 -0.84 10.45 -12.55
CA THR A 72 -1.16 9.76 -11.28
C THR A 72 -2.38 10.40 -10.65
N GLU A 73 -2.75 9.93 -9.48
CA GLU A 73 -3.88 10.54 -8.76
C GLU A 73 -3.53 10.54 -7.29
N ILE A 74 -3.90 11.60 -6.60
CA ILE A 74 -3.76 11.67 -5.13
C ILE A 74 -5.01 12.33 -4.57
N LEU A 75 -5.57 11.67 -3.57
CA LEU A 75 -6.83 12.07 -2.91
C LEU A 75 -7.90 12.30 -3.99
N GLY A 76 -7.95 11.39 -4.96
CA GLY A 76 -8.92 11.35 -6.06
C GLY A 76 -8.66 12.42 -7.13
N HIS A 77 -7.64 13.29 -7.00
CA HIS A 77 -7.27 14.39 -7.95
C HIS A 77 -6.34 13.78 -9.03
N LYS A 78 -6.73 13.69 -10.31
CA LYS A 78 -5.81 13.26 -11.39
C LYS A 78 -4.85 14.38 -11.69
N ILE A 79 -3.55 14.11 -11.70
CA ILE A 79 -2.50 15.11 -11.99
C ILE A 79 -1.59 14.59 -13.09
N LYS A 80 -0.91 15.50 -13.76
CA LYS A 80 -0.11 15.21 -14.95
C LYS A 80 1.09 14.32 -14.65
N ALA A 81 1.66 14.53 -13.46
CA ALA A 81 2.94 13.87 -13.10
C ALA A 81 2.93 13.76 -11.60
N PRO A 82 3.77 12.88 -11.01
CA PRO A 82 3.71 12.62 -9.55
C PRO A 82 4.50 13.64 -8.76
N PHE A 83 4.21 14.91 -8.96
CA PHE A 83 4.79 16.01 -8.19
C PHE A 83 3.76 17.10 -8.06
N ILE A 84 3.86 17.78 -6.96
CA ILE A 84 2.98 18.90 -6.59
C ILE A 84 3.87 20.06 -6.20
N MET A 85 3.28 21.24 -5.99
CA MET A 85 4.04 22.41 -5.55
C MET A 85 4.07 22.47 -4.04
N ALA A 86 5.24 22.58 -3.44
CA ALA A 86 5.41 22.71 -1.98
C ALA A 86 4.94 24.08 -1.53
N PRO A 87 4.45 24.19 -0.29
CA PRO A 87 4.04 25.48 0.27
C PRO A 87 5.30 26.27 0.57
N ILE A 88 5.46 27.44 -0.03
CA ILE A 88 6.64 28.31 0.13
C ILE A 88 6.09 29.71 0.37
N ALA A 89 6.63 30.33 1.40
CA ALA A 89 6.29 31.73 1.72
C ALA A 89 6.84 32.70 0.68
N ALA A 90 6.13 33.81 0.57
CA ALA A 90 6.68 35.09 0.07
C ALA A 90 7.26 34.93 -1.36
N HIS A 91 6.44 34.48 -2.31
CA HIS A 91 6.93 34.29 -3.71
C HIS A 91 7.33 35.64 -4.32
N GLY A 92 6.80 36.71 -3.77
CA GLY A 92 7.17 38.04 -4.27
C GLY A 92 8.64 38.36 -4.08
N LEU A 93 9.38 37.63 -3.24
CA LEU A 93 10.85 37.79 -3.19
C LEU A 93 11.47 37.37 -4.51
N ALA A 94 10.82 36.48 -5.25
CA ALA A 94 11.34 35.92 -6.51
C ALA A 94 10.78 36.64 -7.73
N HIS A 95 9.54 37.05 -7.72
CA HIS A 95 8.93 37.67 -8.90
C HIS A 95 7.77 38.53 -8.52
N THR A 96 7.56 39.63 -9.27
CA THR A 96 6.49 40.58 -8.98
C THR A 96 5.11 39.93 -9.06
N THR A 97 4.92 38.83 -9.83
CA THR A 97 3.61 38.18 -9.94
C THR A 97 3.39 37.17 -8.80
N LYS A 98 4.43 36.98 -8.00
CA LYS A 98 4.35 36.26 -6.71
C LYS A 98 3.53 34.97 -6.82
N GLU A 99 2.72 34.66 -5.83
CA GLU A 99 2.04 33.35 -5.77
C GLU A 99 1.05 33.19 -6.91
N ALA A 100 0.54 34.27 -7.47
CA ALA A 100 -0.35 34.17 -8.63
C ALA A 100 0.44 33.57 -9.79
N GLY A 101 1.66 33.98 -9.98
CA GLY A 101 2.53 33.45 -11.04
C GLY A 101 2.70 31.95 -10.82
N THR A 102 3.08 31.56 -9.61
CA THR A 102 3.33 30.13 -9.40
C THR A 102 2.04 29.35 -9.62
N ALA A 103 0.94 29.87 -9.13
CA ALA A 103 -0.36 29.18 -9.26
C ALA A 103 -0.73 28.99 -10.73
N ARG A 104 -0.48 30.02 -11.54
CA ARG A 104 -0.78 29.88 -12.98
C ARG A 104 0.08 28.77 -13.56
N ALA A 105 1.37 28.73 -13.23
CA ALA A 105 2.27 27.66 -13.76
C ALA A 105 1.70 26.30 -13.39
N VAL A 106 1.38 26.17 -12.11
CA VAL A 106 0.94 24.83 -11.59
C VAL A 106 -0.39 24.42 -12.21
N SER A 107 -1.34 25.33 -12.34
CA SER A 107 -2.65 25.04 -12.93
C SER A 107 -2.49 24.81 -14.45
N GLU A 108 -1.64 25.53 -15.15
CA GLU A 108 -1.44 25.36 -16.60
C GLU A 108 -0.81 24.00 -16.85
N PHE A 109 0.08 23.55 -15.96
CA PHE A 109 0.79 22.27 -16.11
C PHE A 109 -0.15 21.12 -15.77
N GLY A 110 -0.94 21.27 -14.73
CA GLY A 110 -1.91 20.25 -14.32
C GLY A 110 -1.51 19.51 -13.06
N THR A 111 -1.12 20.20 -12.03
CA THR A 111 -0.90 19.56 -10.70
C THR A 111 -1.52 20.43 -9.63
N ILE A 112 -1.21 20.15 -8.39
CA ILE A 112 -1.78 20.77 -7.20
C ILE A 112 -0.86 21.85 -6.66
N MET A 113 -1.46 22.98 -6.34
CA MET A 113 -0.80 24.13 -5.73
C MET A 113 -0.97 24.06 -4.22
N SER A 114 0.11 24.19 -3.49
CA SER A 114 0.09 24.34 -2.01
C SER A 114 0.28 25.81 -1.70
N ILE A 115 -0.62 26.37 -0.91
CA ILE A 115 -0.61 27.80 -0.55
C ILE A 115 -0.06 27.92 0.86
N SER A 116 1.04 28.59 1.03
CA SER A 116 1.67 28.90 2.34
C SER A 116 0.77 29.79 3.18
N ALA A 117 0.86 29.57 4.49
CA ALA A 117 0.28 30.45 5.51
C ALA A 117 0.75 31.89 5.28
N TYR A 118 1.96 32.04 4.79
CA TYR A 118 2.68 33.34 4.69
C TYR A 118 2.79 33.77 3.22
N SER A 119 1.72 33.55 2.46
CA SER A 119 1.61 34.04 1.07
C SER A 119 1.60 35.56 1.10
N GLY A 120 2.31 36.18 0.17
CA GLY A 120 2.29 37.62 -0.07
C GLY A 120 1.13 38.06 -0.95
N ALA A 121 0.48 37.14 -1.64
CA ALA A 121 -0.68 37.44 -2.50
C ALA A 121 -1.94 37.20 -1.69
N THR A 122 -3.00 37.96 -1.98
CA THR A 122 -4.35 37.69 -1.45
C THR A 122 -4.88 36.42 -2.09
N PHE A 123 -5.80 35.75 -1.43
CA PHE A 123 -6.50 34.58 -2.03
C PHE A 123 -7.12 34.99 -3.39
N GLU A 124 -7.68 36.19 -3.55
CA GLU A 124 -8.29 36.60 -4.84
C GLU A 124 -7.22 36.58 -5.96
N GLU A 125 -6.02 37.10 -5.70
CA GLU A 125 -4.91 37.11 -6.70
C GLU A 125 -4.50 35.67 -7.06
N ILE A 126 -4.38 34.82 -6.04
CA ILE A 126 -3.98 33.40 -6.26
C ILE A 126 -5.10 32.68 -7.04
N SER A 127 -6.34 32.88 -6.62
CA SER A 127 -7.54 32.28 -7.27
C SER A 127 -7.59 32.57 -8.78
N GLU A 128 -7.23 33.80 -9.19
CA GLU A 128 -7.23 34.20 -10.61
C GLU A 128 -6.17 33.37 -11.34
N GLY A 129 -4.98 33.21 -10.74
CA GLY A 129 -3.90 32.37 -11.30
C GLY A 129 -4.30 30.90 -11.36
N LEU A 130 -4.98 30.37 -10.35
CA LEU A 130 -5.39 28.94 -10.31
C LEU A 130 -6.47 28.63 -11.34
N ASN A 131 -7.36 29.58 -11.60
CA ASN A 131 -8.43 29.38 -12.62
C ASN A 131 -9.11 28.04 -12.37
N GLY A 132 -9.50 27.76 -11.12
CA GLY A 132 -10.25 26.56 -10.74
C GLY A 132 -9.38 25.37 -10.37
N GLY A 133 -8.07 25.46 -10.56
CA GLY A 133 -7.18 24.28 -10.35
C GLY A 133 -7.14 23.95 -8.86
N PRO A 134 -6.77 22.70 -8.53
CA PRO A 134 -6.80 22.25 -7.13
C PRO A 134 -5.72 22.93 -6.30
N ARG A 135 -6.06 23.15 -5.04
CA ARG A 135 -5.17 23.80 -4.10
C ARG A 135 -5.34 23.20 -2.72
N TRP A 136 -4.22 23.14 -2.02
CA TRP A 136 -4.14 22.69 -0.62
C TRP A 136 -3.65 23.87 0.18
N PHE A 137 -4.12 24.02 1.40
CA PHE A 137 -3.71 25.15 2.24
C PHE A 137 -2.79 24.70 3.36
N GLN A 138 -1.65 25.32 3.47
CA GLN A 138 -0.68 25.07 4.55
C GLN A 138 -0.98 26.00 5.70
N ILE A 139 -1.03 25.44 6.90
CA ILE A 139 -1.24 26.22 8.14
C ILE A 139 -0.19 25.82 9.17
N TYR A 140 0.04 26.74 10.10
CA TYR A 140 0.75 26.50 11.36
C TYR A 140 -0.33 26.33 12.41
N MET A 141 0.02 25.68 13.51
CA MET A 141 -0.92 25.52 14.63
C MET A 141 -0.96 26.81 15.43
N ALA A 142 -2.12 27.46 15.45
CA ALA A 142 -2.32 28.68 16.27
C ALA A 142 -2.38 28.28 17.74
N LYS A 143 -1.84 29.12 18.61
CA LYS A 143 -2.11 29.01 20.07
C LYS A 143 -3.61 29.19 20.37
N ASP A 144 -4.33 30.02 19.60
CA ASP A 144 -5.77 30.36 19.80
C ASP A 144 -6.65 29.35 19.05
N ASP A 145 -7.44 28.53 19.76
CA ASP A 145 -8.34 27.53 19.13
C ASP A 145 -9.20 28.22 18.06
N GLN A 146 -9.72 29.42 18.34
CA GLN A 146 -10.69 30.10 17.43
C GLN A 146 -9.97 30.53 16.15
N GLN A 147 -8.71 30.97 16.21
CA GLN A 147 -7.87 31.25 15.01
C GLN A 147 -7.76 29.97 14.17
N ASN A 148 -7.58 28.79 14.78
CA ASN A 148 -7.54 27.53 13.98
C ASN A 148 -8.89 27.27 13.33
N ARG A 149 -10.01 27.44 14.05
CA ARG A 149 -11.35 27.18 13.46
C ARG A 149 -11.56 28.13 12.26
N ASP A 150 -11.14 29.39 12.40
CA ASP A 150 -11.30 30.46 11.39
C ASP A 150 -10.45 30.16 10.15
N ILE A 151 -9.17 29.83 10.29
CA ILE A 151 -8.34 29.48 9.09
C ILE A 151 -8.89 28.20 8.43
N LEU A 152 -9.35 27.21 9.17
CA LEU A 152 -9.91 25.97 8.58
C LEU A 152 -11.20 26.28 7.81
N ASP A 153 -12.08 27.12 8.36
CA ASP A 153 -13.33 27.54 7.67
C ASP A 153 -12.96 28.30 6.40
N GLU A 154 -12.02 29.23 6.47
CA GLU A 154 -11.54 30.05 5.33
C GLU A 154 -10.96 29.12 4.25
N ALA A 155 -10.06 28.22 4.64
CA ALA A 155 -9.46 27.27 3.67
C ALA A 155 -10.57 26.54 2.90
N LYS A 156 -11.55 25.94 3.59
CA LYS A 156 -12.59 25.10 2.95
C LYS A 156 -13.48 25.98 2.06
N SER A 157 -13.81 27.19 2.53
CA SER A 157 -14.63 28.13 1.73
C SER A 157 -13.86 28.61 0.49
N ASP A 158 -12.52 28.68 0.55
CA ASP A 158 -11.62 29.02 -0.58
C ASP A 158 -11.30 27.81 -1.46
N GLY A 159 -12.01 26.70 -1.25
CA GLY A 159 -12.00 25.53 -2.12
C GLY A 159 -10.77 24.64 -1.92
N ALA A 160 -10.10 24.79 -0.78
CA ALA A 160 -9.01 23.84 -0.43
C ALA A 160 -9.58 22.45 -0.36
N THR A 161 -8.82 21.44 -0.84
CA THR A 161 -9.19 20.03 -0.77
C THR A 161 -8.29 19.24 0.18
N ALA A 162 -7.35 19.91 0.82
CA ALA A 162 -6.54 19.29 1.90
C ALA A 162 -5.91 20.44 2.66
N ILE A 163 -5.58 20.13 3.90
CA ILE A 163 -4.81 20.99 4.83
C ILE A 163 -3.42 20.37 5.01
N ILE A 164 -2.42 21.20 5.00
CA ILE A 164 -1.02 20.80 5.29
C ILE A 164 -0.71 21.43 6.63
N LEU A 165 -0.61 20.65 7.66
CA LEU A 165 -0.23 21.14 9.00
C LEU A 165 1.27 21.01 9.15
N THR A 166 1.99 22.10 9.14
CA THR A 166 3.48 22.12 9.19
C THR A 166 3.79 21.97 10.66
N ALA A 167 4.63 20.98 10.99
CA ALA A 167 4.91 20.55 12.38
C ALA A 167 5.86 21.54 13.07
N ASP A 168 6.64 22.32 12.32
CA ASP A 168 7.70 23.23 12.84
C ASP A 168 7.45 24.68 12.43
N SER A 169 7.86 25.65 13.28
CA SER A 169 7.92 27.10 12.95
C SER A 169 9.36 27.62 13.08
N THR A 170 9.62 28.79 12.49
CA THR A 170 10.86 29.62 12.67
C THR A 170 10.50 30.89 13.45
N ASN A 174 18.50 30.47 12.48
CA ASN A 174 18.87 29.07 12.11
C ASN A 174 20.28 29.01 11.50
N ARG A 175 20.85 30.11 10.98
CA ARG A 175 21.99 30.01 10.02
C ARG A 175 23.27 30.57 10.62
N ASP A 176 24.41 30.04 10.18
CA ASP A 176 25.73 30.52 10.64
C ASP A 176 25.91 31.95 10.09
N TYR A 185 12.17 41.14 4.91
CA TYR A 185 10.76 40.73 4.66
C TYR A 185 9.94 41.97 4.29
N PRO A 186 10.10 42.50 3.07
CA PRO A 186 9.73 43.88 2.76
C PRO A 186 8.27 44.13 2.35
N PHE A 187 7.42 43.11 2.42
CA PHE A 187 5.95 43.22 2.16
C PHE A 187 5.19 42.27 3.10
N GLY A 188 3.90 42.50 3.26
CA GLY A 188 3.03 41.87 4.27
C GLY A 188 2.58 40.47 3.90
N MET A 189 1.65 39.92 4.67
CA MET A 189 1.11 38.54 4.53
C MET A 189 -0.41 38.63 4.53
N PRO A 190 -1.02 39.17 3.45
CA PRO A 190 -2.48 39.37 3.36
C PRO A 190 -3.42 38.25 3.83
N ILE A 191 -3.00 36.98 3.80
CA ILE A 191 -3.88 35.81 4.13
C ILE A 191 -3.94 35.58 5.65
N VAL A 192 -2.81 35.68 6.37
CA VAL A 192 -2.76 35.57 7.86
C VAL A 192 -3.27 36.88 8.48
N GLN A 193 -2.96 38.02 7.85
CA GLN A 193 -3.40 39.37 8.27
C GLN A 193 -4.91 39.53 8.03
N ARG A 194 -5.52 38.60 7.28
CA ARG A 194 -6.97 38.56 6.95
C ARG A 194 -7.76 37.94 8.12
N TYR A 195 -7.08 37.58 9.21
CA TYR A 195 -7.71 37.21 10.53
C TYR A 195 -6.76 37.48 11.71
N LEU A 196 -5.67 38.24 11.52
CA LEU A 196 -4.73 38.63 12.61
C LEU A 196 -4.78 40.15 12.83
N ARG A 197 -5.81 40.83 12.34
CA ARG A 197 -6.13 42.26 12.65
C ARG A 197 -7.02 42.29 13.89
N GLY A 198 -6.83 43.27 14.78
CA GLY A 198 -7.57 43.42 16.05
C GLY A 198 -6.67 43.24 17.26
N THR A 199 -5.73 42.30 17.20
CA THR A 199 -4.67 42.04 18.22
C THR A 199 -3.33 41.84 17.51
N ALA A 200 -2.21 42.20 18.18
CA ALA A 200 -0.85 42.25 17.60
C ALA A 200 -0.21 40.84 17.55
N GLU A 201 -0.66 40.02 16.61
CA GLU A 201 -0.02 38.73 16.20
C GLU A 201 0.53 38.88 14.77
N GLY A 202 -0.06 39.78 13.98
CA GLY A 202 0.41 40.17 12.64
C GLY A 202 1.37 41.35 12.67
N MET A 203 1.59 41.96 13.85
CA MET A 203 2.61 43.02 14.08
C MET A 203 3.99 42.38 14.14
N TYR A 209 4.26 35.54 14.08
CA TYR A 209 5.17 34.40 14.33
C TYR A 209 4.95 33.84 15.74
N GLY A 210 4.76 34.71 16.74
CA GLY A 210 4.40 34.36 18.14
C GLY A 210 2.98 33.83 18.27
N ALA A 211 2.18 33.93 17.21
CA ALA A 211 0.78 33.46 17.12
C ALA A 211 0.75 31.93 16.98
N SER A 212 1.83 31.32 16.50
CA SER A 212 1.87 29.86 16.18
C SER A 212 2.76 29.09 17.18
N LYS A 213 2.38 27.85 17.45
CA LYS A 213 3.17 26.91 18.28
C LYS A 213 4.45 26.59 17.50
N GLN A 214 5.59 26.54 18.20
CA GLN A 214 6.91 26.28 17.53
C GLN A 214 7.01 24.81 17.13
N LYS A 215 6.32 23.92 17.85
CA LYS A 215 6.32 22.48 17.54
C LYS A 215 4.93 21.94 17.87
N ILE A 216 4.36 21.09 17.03
CA ILE A 216 3.03 20.47 17.26
C ILE A 216 3.18 19.14 18.00
N SER A 217 2.08 18.78 18.60
CA SER A 217 1.94 17.51 19.34
C SER A 217 0.89 16.66 18.66
N PRO A 218 0.78 15.35 19.02
CA PRO A 218 -0.35 14.55 18.57
C PRO A 218 -1.73 15.13 18.90
N ARG A 219 -1.83 15.79 20.04
CA ARG A 219 -3.11 16.41 20.43
C ARG A 219 -3.47 17.52 19.46
N ASP A 220 -2.48 18.30 19.03
CA ASP A 220 -2.72 19.37 18.04
C ASP A 220 -3.22 18.76 16.74
N ILE A 221 -2.59 17.66 16.31
CA ILE A 221 -3.01 16.99 15.04
C ILE A 221 -4.47 16.56 15.16
N GLU A 222 -4.80 15.99 16.31
CA GLU A 222 -6.17 15.49 16.56
C GLU A 222 -7.15 16.66 16.49
N GLU A 223 -6.80 17.81 17.07
CA GLU A 223 -7.71 18.99 17.08
C GLU A 223 -7.94 19.46 15.66
N ILE A 224 -6.88 19.56 14.84
CA ILE A 224 -7.05 20.05 13.46
C ILE A 224 -7.84 19.01 12.65
N ALA A 225 -7.46 17.74 12.73
CA ALA A 225 -8.11 16.68 11.94
C ALA A 225 -9.61 16.64 12.27
N ALA A 226 -9.97 16.87 13.53
CA ALA A 226 -11.40 16.76 13.95
C ALA A 226 -12.20 17.97 13.50
N HIS A 227 -11.58 19.11 13.24
CA HIS A 227 -12.35 20.35 12.93
C HIS A 227 -12.15 20.80 11.48
N SER A 228 -11.33 20.16 10.65
CA SER A 228 -11.03 20.75 9.31
C SER A 228 -12.11 20.44 8.26
N GLY A 229 -12.79 19.29 8.34
CA GLY A 229 -13.65 18.76 7.28
C GLY A 229 -12.89 18.37 6.00
N LEU A 230 -11.56 18.30 6.08
CA LEU A 230 -10.67 18.00 4.94
C LEU A 230 -9.57 17.07 5.43
N PRO A 231 -8.99 16.27 4.52
CA PRO A 231 -7.81 15.49 4.87
C PRO A 231 -6.67 16.43 5.29
N VAL A 232 -6.00 16.06 6.38
CA VAL A 232 -4.86 16.80 6.93
C VAL A 232 -3.59 16.00 6.70
N PHE A 233 -2.62 16.62 6.04
CA PHE A 233 -1.26 16.08 5.93
C PHE A 233 -0.45 16.68 7.04
N VAL A 234 0.35 15.93 7.72
CA VAL A 234 1.32 16.47 8.69
C VAL A 234 2.68 16.54 8.03
N LYS A 235 3.24 17.74 7.90
CA LYS A 235 4.45 18.03 7.14
C LYS A 235 5.62 18.30 8.07
N GLY A 236 6.75 17.65 7.79
CA GLY A 236 7.98 17.78 8.55
C GLY A 236 8.33 16.49 9.24
N ILE A 237 7.66 15.39 8.95
CA ILE A 237 7.94 14.07 9.55
C ILE A 237 9.27 13.53 9.00
N GLN A 238 10.13 13.08 9.91
CA GLN A 238 11.40 12.46 9.54
C GLN A 238 11.60 11.15 10.32
N HIS A 239 10.79 10.85 11.31
CA HIS A 239 10.95 9.68 12.19
C HIS A 239 9.71 8.81 12.06
N PRO A 240 9.82 7.50 11.91
CA PRO A 240 8.67 6.63 11.71
C PRO A 240 7.67 6.66 12.88
N GLU A 241 8.15 6.78 14.11
CA GLU A 241 7.21 6.75 15.25
C GLU A 241 6.33 7.99 15.17
N ASP A 242 6.83 9.11 14.74
CA ASP A 242 6.01 10.33 14.57
C ASP A 242 4.95 10.12 13.49
N ALA A 243 5.26 9.39 12.43
CA ALA A 243 4.30 9.07 11.37
C ALA A 243 3.16 8.23 11.98
N ASP A 244 3.53 7.22 12.76
CA ASP A 244 2.50 6.37 13.38
C ASP A 244 1.64 7.20 14.32
N MET A 245 2.26 8.00 15.15
CA MET A 245 1.47 8.81 16.13
C MET A 245 0.58 9.76 15.36
N ALA A 246 1.04 10.36 14.26
CA ALA A 246 0.24 11.32 13.51
C ALA A 246 -0.98 10.64 12.91
N ILE A 247 -0.81 9.47 12.33
CA ILE A 247 -1.93 8.72 11.74
C ILE A 247 -2.92 8.34 12.83
N LYS A 248 -2.42 7.91 13.96
CA LYS A 248 -3.33 7.54 15.09
C LYS A 248 -4.07 8.77 15.57
N ARG A 249 -3.52 9.98 15.46
CA ARG A 249 -4.15 11.23 15.89
C ARG A 249 -5.13 11.72 14.85
N GLY A 250 -5.22 11.12 13.68
CA GLY A 250 -6.20 11.44 12.64
C GLY A 250 -5.64 12.11 11.39
N ALA A 251 -4.32 12.12 11.21
CA ALA A 251 -3.76 12.58 9.93
C ALA A 251 -4.24 11.71 8.77
N SER A 252 -4.52 12.32 7.63
CA SER A 252 -4.93 11.64 6.39
C SER A 252 -3.79 11.54 5.38
N GLY A 253 -2.60 11.98 5.79
CA GLY A 253 -1.40 11.97 4.93
C GLY A 253 -0.21 12.31 5.77
N ILE A 254 0.93 11.82 5.32
CA ILE A 254 2.25 12.09 5.91
C ILE A 254 3.10 12.80 4.87
N TRP A 255 3.63 13.92 5.23
CA TRP A 255 4.47 14.69 4.30
C TRP A 255 5.87 14.72 4.90
N VAL A 256 6.69 13.84 4.35
CA VAL A 256 8.10 13.63 4.76
C VAL A 256 8.90 14.81 4.26
N SER A 257 9.53 15.53 5.16
CA SER A 257 10.17 16.80 4.81
C SER A 257 11.10 17.22 5.93
N ASN A 258 12.17 17.91 5.56
CA ASN A 258 12.88 18.73 6.55
C ASN A 258 12.83 20.20 6.12
N HIS A 259 11.80 20.53 5.36
CA HIS A 259 11.56 21.93 4.91
C HIS A 259 12.74 22.43 4.14
N GLY A 260 13.37 21.60 3.34
CA GLY A 260 14.50 22.06 2.54
C GLY A 260 15.70 22.43 3.38
N ALA A 261 15.89 21.74 4.48
CA ALA A 261 16.98 21.93 5.45
C ALA A 261 16.94 23.30 6.12
N ARG A 262 15.76 23.86 6.26
CA ARG A 262 15.66 25.26 6.78
C ARG A 262 15.45 25.26 8.29
N GLN A 263 15.24 24.12 8.90
CA GLN A 263 14.94 24.02 10.34
C GLN A 263 16.12 23.28 11.01
N LEU A 264 15.91 22.05 11.42
CA LEU A 264 16.93 21.38 12.24
C LEU A 264 18.21 21.10 11.50
N TYR A 265 19.34 21.57 12.00
CA TYR A 265 20.72 21.36 11.52
C TYR A 265 21.30 20.04 12.05
N GLU A 266 22.21 19.42 11.29
CA GLU A 266 22.91 18.16 11.64
C GLU A 266 21.93 17.02 11.83
N ALA A 267 20.98 16.97 10.93
CA ALA A 267 19.93 15.97 10.76
C ALA A 267 20.20 15.24 9.46
N PRO A 268 19.56 14.08 9.25
CA PRO A 268 19.76 13.33 8.01
C PRO A 268 19.20 14.04 6.77
N GLY A 269 19.77 13.72 5.61
CA GLY A 269 19.11 14.04 4.36
C GLY A 269 17.76 13.44 4.30
N SER A 270 16.79 14.20 3.83
CA SER A 270 15.39 13.76 3.90
C SER A 270 15.16 12.41 3.22
N PHE A 271 15.74 12.19 2.04
CA PHE A 271 15.49 10.92 1.33
C PHE A 271 15.94 9.72 2.16
N ASP A 272 16.98 9.88 3.00
CA ASP A 272 17.44 8.72 3.80
C ASP A 272 16.41 8.33 4.84
N THR A 273 15.51 9.22 5.21
CA THR A 273 14.47 8.93 6.23
C THR A 273 13.26 8.27 5.60
N LEU A 274 13.09 8.31 4.31
CA LEU A 274 11.80 7.96 3.66
C LEU A 274 11.50 6.48 3.81
N PRO A 275 12.39 5.52 3.48
CA PRO A 275 11.96 4.13 3.55
C PRO A 275 11.47 3.71 4.94
N ALA A 276 12.08 4.11 6.02
CA ALA A 276 11.64 3.69 7.36
C ALA A 276 10.24 4.23 7.62
N ILE A 277 9.97 5.44 7.20
CA ILE A 277 8.63 6.03 7.37
C ILE A 277 7.67 5.25 6.51
N ALA A 278 7.97 5.01 5.24
CA ALA A 278 7.03 4.33 4.36
C ALA A 278 6.73 2.94 4.90
N GLU A 279 7.71 2.24 5.43
CA GLU A 279 7.45 0.90 5.94
C GLU A 279 6.50 0.99 7.14
N ARG A 280 6.62 2.00 7.99
CA ARG A 280 5.76 2.10 9.18
C ARG A 280 4.36 2.56 8.75
N VAL A 281 4.27 3.51 7.83
CA VAL A 281 2.96 3.97 7.32
C VAL A 281 2.23 2.76 6.73
N ASN A 282 2.92 1.97 5.93
CA ASN A 282 2.42 0.68 5.42
C ASN A 282 1.07 0.89 4.77
N LYS A 283 1.00 1.86 3.87
CA LYS A 283 -0.14 2.12 2.95
C LYS A 283 -1.33 2.76 3.65
N ARG A 284 -1.22 3.11 4.93
CA ARG A 284 -2.39 3.60 5.67
C ARG A 284 -2.88 4.92 5.12
N VAL A 285 -1.98 5.80 4.72
CA VAL A 285 -2.30 7.15 4.20
C VAL A 285 -1.27 7.42 3.12
N PRO A 286 -1.59 8.33 2.17
CA PRO A 286 -0.63 8.75 1.20
C PRO A 286 0.56 9.47 1.81
N ILE A 287 1.68 9.32 1.13
CA ILE A 287 2.95 9.99 1.50
C ILE A 287 3.33 11.00 0.42
N VAL A 288 3.56 12.23 0.84
CA VAL A 288 4.24 13.26 0.04
C VAL A 288 5.67 13.32 0.54
N PHE A 289 6.61 13.33 -0.36
CA PHE A 289 8.03 13.47 -0.01
C PHE A 289 8.56 14.79 -0.56
N ASP A 290 9.35 15.48 0.21
CA ASP A 290 10.15 16.60 -0.33
C ASP A 290 11.45 16.72 0.42
N SER A 291 12.24 17.68 -0.09
CA SER A 291 13.46 18.26 0.47
C SER A 291 14.59 17.69 -0.35
N GLY A 292 14.94 18.41 -1.41
CA GLY A 292 16.10 18.09 -2.23
C GLY A 292 15.77 17.54 -3.61
N VAL A 293 14.51 17.44 -4.03
CA VAL A 293 14.22 16.91 -5.38
C VAL A 293 14.73 17.87 -6.46
N ARG A 294 15.63 17.39 -7.32
CA ARG A 294 16.25 18.25 -8.33
C ARG A 294 16.24 17.63 -9.70
N ARG A 295 15.97 16.35 -9.82
CA ARG A 295 16.06 15.65 -11.10
C ARG A 295 14.91 14.69 -11.24
N GLY A 296 14.57 14.26 -12.45
CA GLY A 296 13.59 13.16 -12.61
C GLY A 296 13.99 11.88 -11.91
N GLU A 297 15.25 11.57 -11.85
CA GLU A 297 15.71 10.36 -11.14
C GLU A 297 15.29 10.44 -9.67
N HIS A 298 15.27 11.63 -9.09
CA HIS A 298 14.88 11.78 -7.67
C HIS A 298 13.42 11.47 -7.54
N VAL A 299 12.57 11.92 -8.47
CA VAL A 299 11.14 11.62 -8.38
C VAL A 299 11.00 10.10 -8.42
N ALA A 300 11.68 9.41 -9.35
CA ALA A 300 11.59 7.96 -9.48
C ALA A 300 12.05 7.28 -8.20
N LYS A 301 13.17 7.69 -7.62
CA LYS A 301 13.69 7.06 -6.38
C LYS A 301 12.73 7.27 -5.24
N ALA A 302 12.09 8.42 -5.10
CA ALA A 302 11.12 8.64 -4.01
C ALA A 302 9.95 7.70 -4.17
N LEU A 303 9.41 7.58 -5.38
CA LEU A 303 8.26 6.68 -5.63
C LEU A 303 8.68 5.25 -5.32
N ALA A 304 9.86 4.83 -5.75
CA ALA A 304 10.32 3.46 -5.51
C ALA A 304 10.47 3.21 -4.01
N SER A 305 10.62 4.22 -3.22
CA SER A 305 10.92 4.15 -1.78
C SER A 305 9.66 4.40 -0.96
N GLY A 306 8.50 4.56 -1.57
CA GLY A 306 7.21 4.65 -0.84
C GLY A 306 6.50 5.93 -0.92
N ALA A 307 7.01 6.97 -1.56
CA ALA A 307 6.22 8.20 -1.71
C ALA A 307 5.16 8.02 -2.79
N ASP A 308 3.98 8.63 -2.61
CA ASP A 308 2.97 8.68 -3.68
C ASP A 308 3.28 9.80 -4.66
N VAL A 309 3.71 10.94 -4.17
CA VAL A 309 4.14 12.06 -5.01
C VAL A 309 5.31 12.72 -4.30
N VAL A 310 6.02 13.57 -5.01
CA VAL A 310 6.97 14.50 -4.38
C VAL A 310 6.47 15.91 -4.44
N ALA A 311 7.04 16.77 -3.66
CA ALA A 311 6.78 18.20 -3.75
C ALA A 311 8.02 18.92 -4.18
N LEU A 312 7.84 19.89 -5.08
CA LEU A 312 8.93 20.70 -5.62
C LEU A 312 8.92 22.07 -5.00
N GLY A 313 10.10 22.57 -4.69
CA GLY A 313 10.20 23.83 -3.99
C GLY A 313 11.14 24.79 -4.69
N ARG A 314 12.37 24.86 -4.22
CA ARG A 314 13.33 25.88 -4.69
C ARG A 314 13.41 25.91 -6.22
N PRO A 315 13.55 24.82 -6.97
CA PRO A 315 13.70 24.91 -8.43
C PRO A 315 12.52 25.67 -9.07
N VAL A 316 11.31 25.50 -8.59
CA VAL A 316 10.14 26.19 -9.19
C VAL A 316 10.27 27.68 -8.88
N LEU A 317 10.69 28.08 -7.68
CA LEU A 317 10.83 29.50 -7.33
C LEU A 317 11.96 30.08 -8.18
N PHE A 318 13.04 29.37 -8.43
CA PHE A 318 14.13 29.92 -9.27
C PHE A 318 13.57 30.12 -10.67
N GLY A 319 12.75 29.20 -11.16
CA GLY A 319 12.11 29.36 -12.47
C GLY A 319 11.23 30.57 -12.45
N LEU A 320 10.44 30.75 -11.43
CA LEU A 320 9.60 31.97 -11.28
C LEU A 320 10.49 33.20 -11.36
N ALA A 321 11.61 33.23 -10.68
CA ALA A 321 12.46 34.46 -10.70
C ALA A 321 12.89 34.73 -12.14
N LEU A 322 13.24 33.70 -12.89
CA LEU A 322 13.82 33.83 -14.24
C LEU A 322 12.75 34.12 -15.27
N GLY A 323 11.48 33.76 -15.09
CA GLY A 323 10.50 33.89 -16.17
C GLY A 323 9.07 34.02 -15.75
N GLY A 324 8.78 34.34 -14.48
CA GLY A 324 7.41 34.39 -14.00
C GLY A 324 6.70 33.06 -14.20
N TRP A 325 5.46 33.07 -14.52
CA TRP A 325 4.68 31.79 -14.54
C TRP A 325 5.27 30.92 -15.64
N GLN A 326 5.73 31.46 -16.76
CA GLN A 326 6.26 30.65 -17.86
C GLN A 326 7.58 30.01 -17.44
N GLY A 327 8.38 30.70 -16.65
CA GLY A 327 9.63 30.12 -16.16
C GLY A 327 9.37 29.02 -15.16
N ALA A 328 8.44 29.24 -14.27
CA ALA A 328 8.05 28.19 -13.31
C ALA A 328 7.48 27.01 -14.08
N TYR A 329 6.67 27.24 -15.10
CA TYR A 329 6.08 26.18 -15.91
C TYR A 329 7.22 25.40 -16.56
N SER A 330 8.24 26.06 -17.05
CA SER A 330 9.39 25.45 -17.72
C SER A 330 10.03 24.41 -16.78
N VAL A 331 10.12 24.76 -15.50
CA VAL A 331 10.72 23.81 -14.52
C VAL A 331 9.80 22.60 -14.37
N LEU A 332 8.52 22.77 -14.25
CA LEU A 332 7.58 21.61 -14.14
C LEU A 332 7.71 20.76 -15.38
N ASP A 333 7.80 21.38 -16.55
CA ASP A 333 7.93 20.66 -17.82
C ASP A 333 9.24 19.87 -17.85
N TYR A 334 10.34 20.46 -17.40
CA TYR A 334 11.63 19.75 -17.29
C TYR A 334 11.43 18.49 -16.45
N PHE A 335 10.84 18.60 -15.27
CA PHE A 335 10.70 17.40 -14.41
C PHE A 335 9.86 16.35 -15.08
N GLN A 336 8.81 16.72 -15.78
CA GLN A 336 7.95 15.74 -16.45
C GLN A 336 8.73 15.06 -17.57
N LYS A 337 9.44 15.80 -18.37
CA LYS A 337 10.20 15.22 -19.50
C LYS A 337 11.35 14.36 -19.00
N ASP A 338 12.03 14.84 -17.98
CA ASP A 338 13.16 14.08 -17.42
C ASP A 338 12.63 12.78 -16.81
N LEU A 339 11.54 12.85 -16.10
CA LEU A 339 10.91 11.61 -15.55
C LEU A 339 10.56 10.65 -16.68
N THR A 340 10.03 11.14 -17.80
CA THR A 340 9.66 10.24 -18.89
C THR A 340 10.93 9.51 -19.36
N ARG A 341 12.06 10.18 -19.47
CA ARG A 341 13.29 9.52 -19.93
C ARG A 341 13.68 8.46 -18.92
N VAL A 342 13.61 8.78 -17.62
CA VAL A 342 13.97 7.79 -16.58
C VAL A 342 13.07 6.59 -16.69
N MET A 343 11.77 6.79 -16.93
CA MET A 343 10.84 5.67 -17.07
C MET A 343 11.27 4.79 -18.23
N GLN A 344 11.65 5.37 -19.36
CA GLN A 344 12.06 4.57 -20.53
C GLN A 344 13.25 3.70 -20.12
N LEU A 345 14.21 4.25 -19.41
CA LEU A 345 15.47 3.52 -19.13
C LEU A 345 15.29 2.50 -18.02
N THR A 346 14.36 2.71 -17.12
CA THR A 346 14.07 1.72 -16.06
C THR A 346 13.05 0.66 -16.48
N GLY A 347 12.54 0.76 -17.70
CA GLY A 347 11.52 -0.18 -18.20
C GLY A 347 10.18 0.03 -17.57
N SER A 348 9.88 1.25 -17.19
CA SER A 348 8.63 1.65 -16.50
C SER A 348 7.67 2.31 -17.48
N GLN A 349 6.47 1.80 -17.58
CA GLN A 349 5.50 2.39 -18.53
C GLN A 349 4.63 3.42 -17.83
N ASN A 350 4.55 3.38 -16.51
CA ASN A 350 3.63 4.24 -15.76
C ASN A 350 4.17 4.47 -14.37
N VAL A 351 3.48 5.31 -13.62
CA VAL A 351 3.94 5.68 -12.26
C VAL A 351 3.88 4.47 -11.34
N GLU A 352 2.92 3.58 -11.52
CA GLU A 352 2.89 2.39 -10.63
C GLU A 352 4.12 1.56 -10.88
N ASP A 353 4.61 1.45 -12.10
CA ASP A 353 5.84 0.68 -12.33
C ASP A 353 7.01 1.31 -11.57
N LEU A 354 7.10 2.64 -11.50
CA LEU A 354 8.15 3.32 -10.73
C LEU A 354 8.11 2.90 -9.27
N LYS A 355 6.93 2.72 -8.73
CA LYS A 355 6.77 2.32 -7.31
C LYS A 355 7.37 0.92 -7.09
N GLY A 356 7.43 0.14 -8.13
CA GLY A 356 8.01 -1.19 -8.07
C GLY A 356 9.47 -1.31 -8.34
N LEU A 357 10.22 -0.22 -8.54
CA LEU A 357 11.66 -0.37 -8.86
C LEU A 357 12.47 -0.94 -7.69
N ASP A 358 13.47 -1.75 -8.07
CA ASP A 358 14.56 -2.18 -7.18
C ASP A 358 15.65 -1.14 -7.25
N LEU A 359 16.14 -0.70 -6.12
CA LEU A 359 17.28 0.24 -6.09
C LEU A 359 18.55 -0.45 -5.67
N PHE A 360 19.67 0.00 -6.17
CA PHE A 360 21.00 -0.52 -5.82
C PHE A 360 21.43 0.21 -4.55
N ASP A 361 21.77 -0.51 -3.52
CA ASP A 361 22.27 0.11 -2.28
C ASP A 361 23.73 0.50 -2.47
N ASN A 362 24.09 1.77 -2.37
CA ASN A 362 25.45 2.25 -2.50
C ASN A 362 26.00 2.55 -1.11
N PRO A 363 26.81 1.68 -0.52
CA PRO A 363 27.29 1.94 0.83
C PRO A 363 28.48 2.88 0.86
N TYR A 364 29.01 3.25 -0.29
CA TYR A 364 30.11 4.23 -0.36
C TYR A 364 29.63 5.66 -0.32
N GLY A 365 28.39 5.92 -0.63
CA GLY A 365 27.94 7.34 -0.60
C GLY A 365 28.51 8.15 -1.75
N TYR A 366 28.72 9.45 -1.52
CA TYR A 366 28.85 10.42 -2.63
C TYR A 366 30.16 10.23 -3.38
N GLU A 367 31.27 10.06 -2.67
CA GLU A 367 32.57 9.97 -3.36
C GLU A 367 32.80 8.60 -3.98
N TYR A 368 31.94 7.65 -3.65
CA TYR A 368 31.95 6.33 -4.36
C TYR A 368 33.28 5.62 -4.14
N GLU B 1 -17.09 -46.94 0.23
CA GLU B 1 -17.38 -45.49 0.10
C GLU B 1 -16.76 -44.73 1.29
N TYR B 2 -16.90 -43.40 1.30
CA TYR B 2 -16.15 -42.48 2.20
C TYR B 2 -17.06 -41.98 3.33
N ASN B 3 -16.67 -42.26 4.57
CA ASN B 3 -17.49 -42.03 5.78
C ASN B 3 -17.06 -40.71 6.43
N ALA B 4 -17.41 -39.58 5.83
CA ALA B 4 -17.09 -38.27 6.43
C ALA B 4 -17.95 -38.02 7.66
N PRO B 5 -17.46 -37.25 8.63
CA PRO B 5 -18.30 -36.77 9.73
C PRO B 5 -19.46 -35.93 9.20
N SER B 6 -20.59 -35.95 9.91
CA SER B 6 -21.83 -35.25 9.54
C SER B 6 -22.43 -34.45 10.71
N GLU B 7 -21.81 -34.48 11.89
CA GLU B 7 -22.38 -33.76 13.04
C GLU B 7 -22.19 -32.25 12.86
N ILE B 8 -23.20 -31.48 13.22
CA ILE B 8 -23.15 -29.99 13.21
C ILE B 8 -23.22 -29.51 14.64
N LYS B 9 -22.20 -28.77 15.10
CA LYS B 9 -22.18 -28.26 16.48
C LYS B 9 -21.13 -27.16 16.57
N TYR B 10 -21.32 -26.27 17.50
CA TYR B 10 -20.26 -25.31 17.87
C TYR B 10 -19.20 -26.06 18.66
N ILE B 11 -17.97 -25.55 18.58
CA ILE B 11 -16.84 -26.18 19.29
C ILE B 11 -16.09 -25.08 20.05
N ASP B 12 -15.57 -25.45 21.20
CA ASP B 12 -14.86 -24.47 22.06
C ASP B 12 -13.40 -24.48 21.59
N VAL B 13 -13.04 -23.51 20.75
CA VAL B 13 -11.69 -23.44 20.15
C VAL B 13 -10.82 -22.62 21.11
N VAL B 14 -9.90 -23.33 21.73
CA VAL B 14 -8.91 -22.75 22.66
C VAL B 14 -7.61 -22.51 21.87
N ASN B 15 -7.30 -23.38 20.89
CA ASN B 15 -6.20 -23.14 19.92
C ASN B 15 -6.43 -24.00 18.66
N THR B 16 -5.85 -23.65 17.52
CA THR B 16 -6.13 -24.33 16.24
C THR B 16 -5.24 -25.55 16.03
N TYR B 17 -4.12 -25.67 16.73
CA TYR B 17 -3.20 -26.79 16.55
C TYR B 17 -3.85 -28.10 17.03
N ASP B 18 -4.54 -28.01 18.16
CA ASP B 18 -5.27 -29.16 18.74
C ASP B 18 -6.40 -29.59 17.80
N LEU B 19 -6.90 -28.75 16.88
CA LEU B 19 -7.99 -29.16 15.96
C LEU B 19 -7.50 -30.25 15.02
N GLU B 20 -6.23 -30.21 14.64
CA GLU B 20 -5.65 -31.21 13.72
C GLU B 20 -5.80 -32.60 14.36
N GLU B 21 -5.26 -32.77 15.57
CA GLU B 21 -5.31 -34.09 16.26
C GLU B 21 -6.76 -34.48 16.54
N GLU B 22 -7.62 -33.54 16.92
CA GLU B 22 -9.06 -33.85 17.14
C GLU B 22 -9.73 -34.30 15.84
N ALA B 23 -9.46 -33.64 14.73
CA ALA B 23 -10.01 -34.05 13.42
C ALA B 23 -9.49 -35.43 13.01
N SER B 24 -8.23 -35.80 13.34
CA SER B 24 -7.62 -37.09 12.94
C SER B 24 -8.45 -38.23 13.55
N LYS B 25 -9.21 -37.96 14.60
CA LYS B 25 -10.05 -38.98 15.29
C LYS B 25 -11.37 -39.19 14.56
N VAL B 26 -11.83 -38.27 13.70
CA VAL B 26 -13.21 -38.35 13.11
C VAL B 26 -13.15 -38.41 11.57
N VAL B 27 -12.02 -38.02 10.96
CA VAL B 27 -11.87 -38.00 9.48
C VAL B 27 -11.24 -39.31 9.08
N PRO B 28 -11.75 -40.03 8.06
CA PRO B 28 -11.06 -41.22 7.56
C PRO B 28 -9.59 -40.96 7.25
N HIS B 29 -8.73 -41.92 7.56
CA HIS B 29 -7.26 -41.77 7.56
C HIS B 29 -6.80 -41.18 6.21
N GLY B 30 -7.21 -41.72 5.08
CA GLY B 30 -6.73 -41.24 3.76
C GLY B 30 -7.09 -39.78 3.54
N GLY B 31 -8.33 -39.41 3.85
CA GLY B 31 -8.77 -38.02 3.65
C GLY B 31 -8.01 -37.11 4.61
N PHE B 32 -7.84 -37.55 5.83
CA PHE B 32 -7.16 -36.73 6.86
C PHE B 32 -5.75 -36.47 6.37
N ASN B 33 -5.06 -37.50 5.92
CA ASN B 33 -3.65 -37.34 5.43
C ASN B 33 -3.64 -36.45 4.19
N TYR B 34 -4.64 -36.47 3.32
CA TYR B 34 -4.68 -35.58 2.14
C TYR B 34 -4.67 -34.13 2.65
N ILE B 35 -5.48 -33.83 3.66
CA ILE B 35 -5.66 -32.45 4.16
C ILE B 35 -4.42 -32.04 4.94
N ALA B 36 -3.95 -32.85 5.87
CA ALA B 36 -2.92 -32.45 6.84
C ALA B 36 -1.54 -32.46 6.19
N GLY B 37 -1.27 -33.36 5.28
CA GLY B 37 0.11 -33.60 4.81
C GLY B 37 0.64 -32.47 3.93
N ALA B 38 1.93 -32.60 3.64
CA ALA B 38 2.63 -31.59 2.84
C ALA B 38 3.80 -32.28 2.17
N SER B 39 4.57 -31.56 1.36
CA SER B 39 5.62 -32.12 0.51
C SER B 39 6.79 -32.59 1.34
N GLY B 40 7.52 -33.53 0.74
CA GLY B 40 8.71 -34.09 1.38
C GLY B 40 8.43 -34.66 2.74
N ASP B 41 9.24 -34.36 3.74
CA ASP B 41 9.07 -34.77 5.15
C ASP B 41 8.40 -33.66 5.97
N GLU B 42 7.76 -32.71 5.27
CA GLU B 42 6.96 -31.61 5.86
C GLU B 42 7.84 -30.57 6.55
N TRP B 43 9.13 -30.52 6.20
CA TRP B 43 10.03 -29.48 6.76
C TRP B 43 9.51 -28.09 6.37
N THR B 44 9.06 -27.89 5.16
CA THR B 44 8.61 -26.52 4.76
C THR B 44 7.27 -26.24 5.42
N LYS B 45 6.42 -27.25 5.73
CA LYS B 45 5.20 -26.96 6.51
C LYS B 45 5.57 -26.53 7.93
N ARG B 46 6.56 -27.16 8.51
CA ARG B 46 7.07 -26.74 9.82
C ARG B 46 7.69 -25.36 9.68
N ALA B 47 8.35 -25.05 8.57
CA ALA B 47 8.93 -23.72 8.36
C ALA B 47 7.83 -22.68 8.32
N ASN B 48 6.70 -22.98 7.67
CA ASN B 48 5.57 -22.05 7.67
C ASN B 48 5.22 -21.66 9.11
N ASP B 49 5.19 -22.66 10.00
CA ASP B 49 4.80 -22.45 11.41
C ASP B 49 5.88 -21.70 12.18
N ARG B 50 7.11 -22.12 12.01
CA ARG B 50 8.23 -21.57 12.80
C ARG B 50 8.53 -20.16 12.34
N ALA B 51 8.20 -19.80 11.11
CA ALA B 51 8.56 -18.45 10.60
C ALA B 51 7.93 -17.38 11.47
N TRP B 52 6.80 -17.64 12.11
CA TRP B 52 6.13 -16.62 12.94
C TRP B 52 7.01 -16.23 14.13
N LYS B 53 7.95 -17.07 14.53
CA LYS B 53 8.79 -16.70 15.69
C LYS B 53 9.96 -15.85 15.24
N HIS B 54 10.13 -15.60 13.96
CA HIS B 54 11.22 -14.76 13.45
C HIS B 54 10.98 -13.29 13.67
N LYS B 55 9.73 -12.89 13.81
CA LYS B 55 9.32 -11.49 13.99
C LYS B 55 8.35 -11.49 15.12
N LEU B 56 8.67 -10.83 16.23
CA LEU B 56 7.86 -10.96 17.45
C LEU B 56 7.11 -9.67 17.72
N LEU B 57 5.96 -9.75 18.35
CA LEU B 57 5.13 -8.57 18.65
C LEU B 57 5.65 -7.90 19.90
N TYR B 58 5.59 -6.58 19.92
CA TYR B 58 5.78 -5.81 21.15
C TYR B 58 4.44 -5.38 21.72
N PRO B 59 4.25 -5.49 23.03
CA PRO B 59 3.13 -4.81 23.65
C PRO B 59 3.42 -3.32 23.56
N ARG B 60 2.42 -2.48 23.32
CA ARG B 60 2.62 -1.04 23.15
C ARG B 60 1.48 -0.32 23.87
N LEU B 61 1.75 0.88 24.35
CA LEU B 61 0.74 1.75 24.96
C LEU B 61 -0.31 2.11 23.93
N ALA B 62 -1.53 2.32 24.40
CA ALA B 62 -2.63 2.79 23.54
C ALA B 62 -2.49 4.28 23.28
N GLN B 63 -3.06 4.77 22.20
CA GLN B 63 -3.07 6.21 21.83
C GLN B 63 -4.50 6.66 21.48
N ASP B 64 -5.49 5.79 21.65
CA ASP B 64 -6.92 6.01 21.29
C ASP B 64 -7.77 5.41 22.42
N VAL B 65 -9.01 5.87 22.58
CA VAL B 65 -9.86 5.42 23.73
C VAL B 65 -10.81 4.30 23.30
N GLU B 66 -11.10 4.13 22.00
CA GLU B 66 -12.25 3.26 21.57
C GLU B 66 -11.91 1.77 21.67
N ALA B 67 -12.94 0.93 21.75
CA ALA B 67 -12.87 -0.54 21.71
C ALA B 67 -12.27 -0.97 20.37
N PRO B 68 -11.49 -2.06 20.33
CA PRO B 68 -10.95 -2.52 19.07
C PRO B 68 -12.06 -2.95 18.10
N ASP B 69 -11.80 -2.67 16.84
CA ASP B 69 -12.68 -2.97 15.68
C ASP B 69 -11.85 -3.79 14.69
N THR B 70 -12.25 -5.00 14.36
CA THR B 70 -11.50 -5.88 13.44
C THR B 70 -11.95 -5.70 12.01
N SER B 71 -12.90 -4.84 11.71
CA SER B 71 -13.40 -4.83 10.33
C SER B 71 -12.41 -4.21 9.36
N THR B 72 -12.49 -4.62 8.11
CA THR B 72 -11.64 -4.02 7.05
C THR B 72 -12.37 -4.08 5.72
N GLU B 73 -11.75 -3.64 4.66
CA GLU B 73 -12.38 -3.63 3.32
C GLU B 73 -11.33 -4.17 2.37
N ILE B 74 -11.73 -5.03 1.43
CA ILE B 74 -10.86 -5.45 0.32
C ILE B 74 -11.70 -5.52 -0.95
N LEU B 75 -11.18 -4.90 -1.99
CA LEU B 75 -11.88 -4.68 -3.28
C LEU B 75 -13.26 -4.08 -2.99
N GLY B 76 -13.33 -3.10 -2.11
CA GLY B 76 -14.56 -2.36 -1.85
C GLY B 76 -15.53 -3.12 -0.99
N HIS B 77 -15.27 -4.40 -0.66
CA HIS B 77 -16.18 -5.20 0.21
C HIS B 77 -15.77 -5.12 1.69
N LYS B 78 -16.70 -4.74 2.55
CA LYS B 78 -16.45 -4.65 4.01
C LYS B 78 -16.60 -6.04 4.62
N ILE B 79 -15.60 -6.51 5.33
CA ILE B 79 -15.55 -7.82 5.99
C ILE B 79 -15.32 -7.64 7.48
N LYS B 80 -15.75 -8.60 8.28
CA LYS B 80 -15.82 -8.50 9.75
C LYS B 80 -14.44 -8.56 10.38
N ALA B 81 -13.46 -9.15 9.71
CA ALA B 81 -12.10 -9.31 10.27
C ALA B 81 -11.20 -9.47 9.05
N PRO B 82 -9.89 -9.21 9.19
CA PRO B 82 -8.97 -9.23 8.04
C PRO B 82 -8.47 -10.61 7.64
N PHE B 83 -9.42 -11.51 7.46
CA PHE B 83 -9.13 -12.86 7.00
C PHE B 83 -10.25 -13.34 6.11
N ILE B 84 -9.90 -14.12 5.11
CA ILE B 84 -10.82 -14.73 4.13
C ILE B 84 -10.59 -16.22 4.16
N MET B 85 -11.47 -16.96 3.48
CA MET B 85 -11.27 -18.39 3.35
C MET B 85 -10.41 -18.70 2.14
N ALA B 86 -9.39 -19.48 2.31
CA ALA B 86 -8.53 -19.91 1.20
C ALA B 86 -9.29 -20.93 0.34
N PRO B 87 -8.93 -21.03 -0.94
CA PRO B 87 -9.51 -22.03 -1.84
C PRO B 87 -8.91 -23.36 -1.48
N ILE B 88 -9.76 -24.32 -1.17
CA ILE B 88 -9.34 -25.67 -0.75
C ILE B 88 -10.24 -26.65 -1.50
N ALA B 89 -9.64 -27.61 -2.18
CA ALA B 89 -10.37 -28.70 -2.87
C ALA B 89 -11.11 -29.54 -1.86
N ALA B 90 -12.20 -30.16 -2.31
CA ALA B 90 -12.72 -31.43 -1.72
C ALA B 90 -13.05 -31.32 -0.22
N HIS B 91 -13.89 -30.36 0.17
CA HIS B 91 -14.26 -30.19 1.60
C HIS B 91 -15.05 -31.39 2.09
N GLY B 92 -15.59 -32.15 1.16
CA GLY B 92 -16.28 -33.40 1.57
C GLY B 92 -15.36 -34.41 2.23
N LEU B 93 -14.03 -34.31 2.08
CA LEU B 93 -13.12 -35.22 2.80
C LEU B 93 -13.23 -34.95 4.30
N ALA B 94 -13.62 -33.73 4.68
CA ALA B 94 -13.73 -33.35 6.10
C ALA B 94 -15.16 -33.49 6.62
N HIS B 95 -16.16 -33.20 5.82
CA HIS B 95 -17.56 -33.19 6.35
C HIS B 95 -18.55 -33.40 5.23
N THR B 96 -19.67 -34.10 5.52
CA THR B 96 -20.67 -34.42 4.49
C THR B 96 -21.29 -33.17 3.88
N THR B 97 -21.33 -32.03 4.59
CA THR B 97 -21.93 -30.79 4.10
C THR B 97 -20.92 -30.04 3.20
N LYS B 98 -19.68 -30.50 3.25
CA LYS B 98 -18.61 -30.12 2.28
C LYS B 98 -18.56 -28.59 2.08
N GLU B 99 -18.45 -28.11 0.87
CA GLU B 99 -18.18 -26.67 0.64
C GLU B 99 -19.38 -25.83 1.05
N ALA B 100 -20.59 -26.40 1.06
CA ALA B 100 -21.79 -25.65 1.47
C ALA B 100 -21.66 -25.31 2.96
N GLY B 101 -21.16 -26.25 3.71
CA GLY B 101 -20.90 -26.06 5.13
C GLY B 101 -19.91 -24.92 5.39
N THR B 102 -18.78 -24.98 4.69
CA THR B 102 -17.78 -23.91 4.87
C THR B 102 -18.34 -22.55 4.43
N ALA B 103 -19.07 -22.52 3.32
CA ALA B 103 -19.65 -21.28 2.81
C ALA B 103 -20.62 -20.69 3.83
N ARG B 104 -21.43 -21.53 4.46
CA ARG B 104 -22.37 -21.02 5.47
C ARG B 104 -21.59 -20.36 6.60
N ALA B 105 -20.52 -21.01 7.06
CA ALA B 105 -19.69 -20.49 8.18
C ALA B 105 -19.14 -19.11 7.77
N VAL B 106 -18.57 -19.07 6.58
CA VAL B 106 -17.88 -17.84 6.10
C VAL B 106 -18.87 -16.70 5.88
N SER B 107 -20.01 -16.98 5.27
CA SER B 107 -21.05 -15.98 4.98
C SER B 107 -21.69 -15.49 6.29
N GLU B 108 -21.98 -16.41 7.21
CA GLU B 108 -22.59 -16.03 8.52
C GLU B 108 -21.61 -15.18 9.32
N PHE B 109 -20.30 -15.52 9.26
CA PHE B 109 -19.26 -14.77 9.99
C PHE B 109 -19.13 -13.40 9.38
N GLY B 110 -19.17 -13.28 8.08
CA GLY B 110 -19.06 -11.99 7.39
C GLY B 110 -17.72 -11.81 6.71
N THR B 111 -17.23 -12.79 6.01
CA THR B 111 -16.02 -12.60 5.16
C THR B 111 -16.26 -13.22 3.80
N ILE B 112 -15.19 -13.40 3.05
CA ILE B 112 -15.21 -13.82 1.65
C ILE B 112 -14.87 -15.29 1.55
N MET B 113 -15.66 -16.00 0.73
CA MET B 113 -15.46 -17.40 0.43
C MET B 113 -14.67 -17.56 -0.85
N SER B 114 -13.64 -18.37 -0.83
CA SER B 114 -12.87 -18.70 -2.07
C SER B 114 -13.29 -20.08 -2.47
N ILE B 115 -13.68 -20.26 -3.71
CA ILE B 115 -14.16 -21.56 -4.24
C ILE B 115 -13.06 -22.15 -5.10
N SER B 116 -12.60 -23.31 -4.74
CA SER B 116 -11.64 -24.07 -5.55
C SER B 116 -12.32 -24.57 -6.82
N ALA B 117 -11.59 -24.56 -7.92
CA ALA B 117 -12.03 -25.25 -9.15
C ALA B 117 -12.24 -26.74 -8.85
N TYR B 118 -11.58 -27.29 -7.84
CA TYR B 118 -11.68 -28.74 -7.51
C TYR B 118 -12.67 -28.98 -6.36
N SER B 119 -13.61 -28.08 -6.17
CA SER B 119 -14.74 -28.27 -5.23
C SER B 119 -15.39 -29.62 -5.53
N GLY B 120 -15.73 -30.34 -4.47
CA GLY B 120 -16.56 -31.57 -4.61
C GLY B 120 -18.03 -31.23 -4.68
N ALA B 121 -18.40 -29.99 -4.41
CA ALA B 121 -19.79 -29.49 -4.41
C ALA B 121 -20.08 -28.75 -5.71
N THR B 122 -21.32 -28.86 -6.17
CA THR B 122 -21.82 -28.05 -7.29
C THR B 122 -21.86 -26.60 -6.82
N PHE B 123 -21.83 -25.62 -7.71
CA PHE B 123 -22.01 -24.20 -7.32
C PHE B 123 -23.41 -24.09 -6.69
N GLU B 124 -24.42 -24.82 -7.20
CA GLU B 124 -25.79 -24.69 -6.63
C GLU B 124 -25.74 -25.10 -5.16
N GLU B 125 -25.05 -26.18 -4.80
CA GLU B 125 -24.89 -26.59 -3.38
C GLU B 125 -24.17 -25.47 -2.61
N ILE B 126 -23.08 -24.94 -3.15
CA ILE B 126 -22.32 -23.91 -2.39
C ILE B 126 -23.20 -22.68 -2.19
N SER B 127 -23.93 -22.26 -3.22
CA SER B 127 -24.79 -21.04 -3.23
C SER B 127 -25.78 -21.06 -2.06
N GLU B 128 -26.33 -22.25 -1.76
CA GLU B 128 -27.26 -22.51 -0.63
C GLU B 128 -26.59 -22.04 0.67
N GLY B 129 -25.36 -22.51 0.92
CA GLY B 129 -24.58 -22.10 2.11
C GLY B 129 -24.19 -20.63 2.06
N LEU B 130 -23.77 -20.09 0.92
CA LEU B 130 -23.29 -18.68 0.75
C LEU B 130 -24.39 -17.67 1.07
N ASN B 131 -25.64 -17.95 0.64
CA ASN B 131 -26.80 -17.07 0.93
C ASN B 131 -26.47 -15.61 0.58
N GLY B 132 -25.89 -15.36 -0.60
CA GLY B 132 -25.58 -14.01 -1.06
C GLY B 132 -24.23 -13.46 -0.60
N GLY B 133 -23.48 -14.24 0.17
CA GLY B 133 -22.17 -13.80 0.66
C GLY B 133 -21.20 -13.66 -0.50
N PRO B 134 -20.20 -12.78 -0.36
CA PRO B 134 -19.22 -12.63 -1.43
C PRO B 134 -18.33 -13.85 -1.63
N ARG B 135 -17.97 -14.05 -2.88
CA ARG B 135 -17.16 -15.24 -3.24
C ARG B 135 -16.22 -14.87 -4.36
N TRP B 136 -15.05 -15.49 -4.26
CA TRP B 136 -13.99 -15.42 -5.29
C TRP B 136 -13.79 -16.82 -5.83
N PHE B 137 -13.42 -16.96 -7.10
CA PHE B 137 -13.30 -18.23 -7.77
C PHE B 137 -11.83 -18.48 -8.07
N GLN B 138 -11.34 -19.61 -7.61
CA GLN B 138 -9.96 -20.03 -7.89
C GLN B 138 -9.92 -20.92 -9.12
N ILE B 139 -9.01 -20.65 -10.03
CA ILE B 139 -8.84 -21.43 -11.26
C ILE B 139 -7.38 -21.82 -11.42
N TYR B 140 -7.16 -22.88 -12.17
CA TYR B 140 -5.87 -23.26 -12.74
C TYR B 140 -5.84 -22.78 -14.16
N MET B 141 -4.68 -22.62 -14.73
CA MET B 141 -4.55 -22.19 -16.13
C MET B 141 -4.60 -23.43 -17.00
N ALA B 142 -5.67 -23.54 -17.78
CA ALA B 142 -5.81 -24.69 -18.71
C ALA B 142 -4.87 -24.53 -19.89
N LYS B 143 -4.33 -25.64 -20.35
CA LYS B 143 -3.56 -25.72 -21.60
C LYS B 143 -4.42 -25.34 -22.79
N ASP B 144 -5.70 -25.70 -22.73
CA ASP B 144 -6.70 -25.37 -23.79
C ASP B 144 -7.44 -24.07 -23.47
N ASP B 145 -7.27 -23.07 -24.29
CA ASP B 145 -7.86 -21.73 -24.08
C ASP B 145 -9.37 -21.82 -23.89
N GLN B 146 -10.06 -22.73 -24.60
CA GLN B 146 -11.52 -22.81 -24.43
C GLN B 146 -11.90 -23.12 -22.99
N GLN B 147 -11.14 -23.97 -22.32
CA GLN B 147 -11.42 -24.33 -20.92
C GLN B 147 -11.24 -23.12 -20.00
N ASN B 148 -10.29 -22.23 -20.33
CA ASN B 148 -10.17 -20.99 -19.55
C ASN B 148 -11.36 -20.07 -19.77
N ARG B 149 -11.80 -19.98 -21.04
CA ARG B 149 -13.02 -19.20 -21.34
C ARG B 149 -14.21 -19.75 -20.57
N ASP B 150 -14.30 -21.07 -20.54
CA ASP B 150 -15.42 -21.79 -19.87
C ASP B 150 -15.43 -21.45 -18.38
N ILE B 151 -14.28 -21.52 -17.70
CA ILE B 151 -14.28 -21.37 -16.22
C ILE B 151 -14.47 -19.89 -15.90
N LEU B 152 -13.97 -18.96 -16.74
CA LEU B 152 -14.18 -17.53 -16.48
C LEU B 152 -15.64 -17.20 -16.65
N ASP B 153 -16.31 -17.84 -17.62
CA ASP B 153 -17.77 -17.60 -17.76
C ASP B 153 -18.49 -18.20 -16.54
N GLU B 154 -18.13 -19.39 -16.10
CA GLU B 154 -18.72 -20.03 -14.90
C GLU B 154 -18.58 -19.05 -13.73
N ALA B 155 -17.40 -18.48 -13.53
CA ALA B 155 -17.15 -17.58 -12.38
C ALA B 155 -18.05 -16.36 -12.45
N LYS B 156 -18.12 -15.68 -13.58
CA LYS B 156 -19.02 -14.53 -13.80
C LYS B 156 -20.46 -14.96 -13.52
N SER B 157 -20.92 -16.09 -14.04
CA SER B 157 -22.31 -16.59 -13.84
C SER B 157 -22.62 -16.79 -12.36
N ASP B 158 -21.63 -17.22 -11.60
CA ASP B 158 -21.74 -17.54 -10.17
C ASP B 158 -21.52 -16.27 -9.31
N GLY B 159 -21.40 -15.08 -9.85
CA GLY B 159 -21.31 -13.84 -9.07
C GLY B 159 -19.95 -13.69 -8.41
N ALA B 160 -18.91 -14.30 -8.95
CA ALA B 160 -17.56 -14.06 -8.42
C ALA B 160 -17.24 -12.60 -8.58
N THR B 161 -16.50 -12.06 -7.61
CA THR B 161 -16.02 -10.68 -7.65
C THR B 161 -14.51 -10.59 -7.77
N ALA B 162 -13.87 -11.75 -7.89
CA ALA B 162 -12.43 -11.80 -8.21
C ALA B 162 -12.13 -13.20 -8.66
N ILE B 163 -11.04 -13.35 -9.40
CA ILE B 163 -10.46 -14.64 -9.80
C ILE B 163 -9.16 -14.82 -9.04
N ILE B 164 -8.91 -16.00 -8.59
CA ILE B 164 -7.65 -16.40 -7.95
C ILE B 164 -6.99 -17.34 -8.92
N LEU B 165 -5.95 -16.92 -9.60
CA LEU B 165 -5.21 -17.72 -10.58
C LEU B 165 -4.06 -18.41 -9.85
N THR B 166 -4.16 -19.68 -9.57
CA THR B 166 -3.12 -20.42 -8.81
C THR B 166 -2.00 -20.67 -9.78
N ALA B 167 -0.77 -20.36 -9.39
CA ALA B 167 0.39 -20.40 -10.29
C ALA B 167 0.92 -21.81 -10.49
N ASP B 168 0.56 -22.77 -9.66
CA ASP B 168 1.15 -24.13 -9.63
C ASP B 168 0.07 -25.19 -9.76
N SER B 169 0.34 -26.29 -10.47
CA SER B 169 -0.56 -27.47 -10.36
C SER B 169 -0.05 -28.75 -11.04
N THR B 170 -1.02 -29.44 -11.68
CA THR B 170 -1.23 -30.91 -11.81
C THR B 170 -0.83 -31.57 -10.47
N VAL B 171 -1.83 -31.85 -9.61
CA VAL B 171 -1.64 -32.42 -8.24
C VAL B 171 -0.15 -32.76 -8.07
N SER B 172 0.59 -31.77 -7.58
CA SER B 172 2.07 -31.68 -7.58
C SER B 172 2.64 -32.42 -6.37
N GLY B 173 3.27 -31.68 -5.45
CA GLY B 173 3.42 -32.04 -4.04
C GLY B 173 4.06 -33.40 -3.84
N ASN B 174 5.35 -33.50 -4.21
CA ASN B 174 6.20 -34.67 -3.88
C ASN B 174 5.99 -35.03 -2.41
N ARG B 175 5.07 -35.94 -2.07
CA ARG B 175 5.08 -36.84 -0.87
C ARG B 175 4.05 -36.43 0.20
N ASP B 176 3.01 -35.64 -0.10
CA ASP B 176 1.86 -35.48 0.84
C ASP B 176 1.24 -36.86 1.09
N ARG B 177 0.38 -37.31 0.16
CA ARG B 177 -0.35 -38.60 0.21
C ARG B 177 -1.01 -38.88 -1.14
N ASP B 178 -0.28 -39.62 -1.99
CA ASP B 178 -0.74 -40.26 -3.25
C ASP B 178 0.37 -41.21 -3.71
N VAL B 179 1.63 -40.78 -3.54
CA VAL B 179 2.86 -41.59 -3.77
C VAL B 179 3.08 -42.56 -2.59
N LYS B 180 2.66 -42.20 -1.37
CA LYS B 180 2.88 -43.01 -0.12
C LYS B 180 1.65 -43.87 0.17
N ASN B 181 0.57 -43.26 0.68
CA ASN B 181 -0.67 -43.95 1.14
C ASN B 181 -1.27 -44.78 0.00
N LYS B 182 -1.23 -44.24 -1.22
CA LYS B 182 -2.00 -44.71 -2.40
C LYS B 182 -3.49 -44.53 -2.07
N PHE B 183 -3.91 -43.28 -1.94
CA PHE B 183 -5.31 -42.81 -1.80
C PHE B 183 -5.65 -41.93 -3.02
N VAL B 184 -6.77 -42.22 -3.70
CA VAL B 184 -7.35 -41.36 -4.78
C VAL B 184 -8.70 -40.83 -4.30
N TYR B 185 -9.08 -39.63 -4.76
CA TYR B 185 -10.35 -38.93 -4.41
C TYR B 185 -11.51 -39.91 -4.47
N PRO B 186 -12.40 -39.91 -3.46
CA PRO B 186 -13.66 -40.63 -3.57
C PRO B 186 -14.77 -39.86 -4.31
N PHE B 187 -14.55 -38.63 -4.76
CA PHE B 187 -15.63 -37.95 -5.51
C PHE B 187 -15.08 -37.10 -6.66
N GLY B 188 -16.03 -36.48 -7.36
CA GLY B 188 -15.77 -35.75 -8.60
C GLY B 188 -15.44 -34.30 -8.35
N MET B 189 -15.34 -33.59 -9.46
CA MET B 189 -14.99 -32.17 -9.56
C MET B 189 -16.11 -31.55 -10.39
N PRO B 190 -17.33 -31.40 -9.84
CA PRO B 190 -18.46 -30.99 -10.66
C PRO B 190 -18.29 -29.62 -11.32
N ILE B 191 -17.51 -28.70 -10.75
CA ILE B 191 -17.35 -27.34 -11.36
C ILE B 191 -16.57 -27.51 -12.67
N VAL B 192 -15.49 -28.26 -12.68
CA VAL B 192 -14.74 -28.37 -13.96
C VAL B 192 -15.44 -29.43 -14.84
N GLN B 193 -16.08 -30.45 -14.28
CA GLN B 193 -16.75 -31.49 -15.12
C GLN B 193 -17.89 -30.86 -15.91
N ARG B 194 -18.47 -29.78 -15.42
CA ARG B 194 -19.55 -29.06 -16.15
C ARG B 194 -19.06 -28.75 -17.56
N TYR B 195 -17.79 -28.43 -17.71
CA TYR B 195 -17.22 -27.93 -18.96
C TYR B 195 -16.28 -28.95 -19.61
N LEU B 196 -15.68 -29.87 -18.87
CA LEU B 196 -14.79 -30.90 -19.44
C LEU B 196 -15.56 -32.14 -19.95
N ARG B 197 -16.83 -32.33 -19.56
CA ARG B 197 -17.63 -33.52 -20.04
C ARG B 197 -17.51 -33.64 -21.56
N GLY B 198 -17.17 -34.82 -22.05
CA GLY B 198 -17.09 -35.12 -23.50
C GLY B 198 -15.77 -34.72 -24.10
N THR B 199 -14.88 -34.12 -23.31
CA THR B 199 -13.47 -33.93 -23.69
C THR B 199 -12.64 -35.03 -22.99
N ALA B 200 -11.46 -35.31 -23.53
CA ALA B 200 -10.46 -36.22 -22.93
C ALA B 200 -10.11 -35.73 -21.52
N GLU B 201 -10.05 -34.40 -21.35
CA GLU B 201 -9.64 -33.77 -20.07
C GLU B 201 -10.60 -34.17 -18.93
N GLY B 202 -11.87 -34.48 -19.22
CA GLY B 202 -12.84 -34.81 -18.14
C GLY B 202 -12.85 -36.28 -17.75
N MET B 203 -12.17 -37.15 -18.51
CA MET B 203 -12.36 -38.63 -18.46
C MET B 203 -11.87 -39.26 -17.14
N SER B 204 -10.95 -38.64 -16.41
CA SER B 204 -10.31 -39.20 -15.18
C SER B 204 -9.71 -38.08 -14.32
N LEU B 205 -9.39 -38.35 -13.06
CA LEU B 205 -8.76 -37.33 -12.16
C LEU B 205 -7.40 -36.93 -12.74
N ASN B 206 -6.63 -37.91 -13.22
CA ASN B 206 -5.31 -37.69 -13.85
C ASN B 206 -5.49 -36.73 -15.04
N ASN B 207 -6.52 -36.94 -15.87
CA ASN B 207 -6.72 -36.08 -17.07
C ASN B 207 -7.13 -34.68 -16.63
N ILE B 208 -7.93 -34.56 -15.57
CA ILE B 208 -8.35 -33.23 -15.03
C ILE B 208 -7.10 -32.52 -14.52
N TYR B 209 -6.30 -33.18 -13.67
CA TYR B 209 -5.08 -32.56 -13.10
C TYR B 209 -4.16 -32.14 -14.26
N GLY B 210 -4.02 -33.03 -15.25
CA GLY B 210 -3.18 -32.86 -16.45
C GLY B 210 -3.70 -31.81 -17.42
N ALA B 211 -4.94 -31.33 -17.25
CA ALA B 211 -5.52 -30.35 -18.19
C ALA B 211 -4.88 -28.98 -17.96
N SER B 212 -4.23 -28.80 -16.79
CA SER B 212 -3.64 -27.53 -16.31
C SER B 212 -2.19 -27.43 -16.77
N LYS B 213 -1.75 -26.22 -17.08
CA LYS B 213 -0.29 -25.97 -17.19
C LYS B 213 0.37 -26.22 -15.82
N GLN B 214 1.58 -26.77 -15.80
CA GLN B 214 2.16 -27.10 -14.47
C GLN B 214 2.66 -25.83 -13.74
N LYS B 215 2.96 -24.80 -14.52
CA LYS B 215 3.35 -23.48 -13.99
C LYS B 215 2.90 -22.39 -14.94
N ILE B 216 2.34 -21.32 -14.42
CA ILE B 216 1.94 -20.16 -15.27
C ILE B 216 3.13 -19.27 -15.58
N SER B 217 2.95 -18.52 -16.62
CA SER B 217 3.86 -17.47 -17.11
C SER B 217 3.20 -16.11 -17.02
N PRO B 218 3.96 -14.99 -17.15
CA PRO B 218 3.34 -13.68 -17.27
C PRO B 218 2.35 -13.59 -18.43
N ARG B 219 2.60 -14.27 -19.53
CA ARG B 219 1.65 -14.27 -20.67
C ARG B 219 0.32 -14.86 -20.24
N ASP B 220 0.35 -15.93 -19.44
CA ASP B 220 -0.90 -16.55 -18.95
C ASP B 220 -1.65 -15.53 -18.10
N ILE B 221 -0.95 -14.84 -17.21
CA ILE B 221 -1.57 -13.84 -16.32
C ILE B 221 -2.24 -12.81 -17.18
N GLU B 222 -1.54 -12.31 -18.20
CA GLU B 222 -2.09 -11.26 -19.07
C GLU B 222 -3.38 -11.76 -19.72
N GLU B 223 -3.40 -13.00 -20.17
CA GLU B 223 -4.59 -13.54 -20.90
C GLU B 223 -5.77 -13.60 -19.94
N ILE B 224 -5.58 -14.11 -18.71
CA ILE B 224 -6.69 -14.20 -17.76
C ILE B 224 -7.13 -12.81 -17.37
N ALA B 225 -6.19 -11.91 -17.06
CA ALA B 225 -6.54 -10.54 -16.63
C ALA B 225 -7.30 -9.80 -17.74
N ALA B 226 -6.98 -10.06 -19.00
CA ALA B 226 -7.59 -9.36 -20.17
C ALA B 226 -9.00 -9.88 -20.38
N HIS B 227 -9.31 -11.13 -20.03
CA HIS B 227 -10.58 -11.77 -20.47
C HIS B 227 -11.52 -12.10 -19.30
N SER B 228 -11.10 -11.93 -18.06
CA SER B 228 -11.92 -12.33 -16.90
C SER B 228 -13.06 -11.34 -16.64
N GLY B 229 -12.85 -10.06 -16.94
CA GLY B 229 -13.73 -8.97 -16.50
C GLY B 229 -13.80 -8.79 -14.99
N LEU B 230 -12.81 -9.31 -14.28
CA LEU B 230 -12.73 -9.29 -12.81
C LEU B 230 -11.30 -9.07 -12.42
N PRO B 231 -11.05 -8.54 -11.21
CA PRO B 231 -9.69 -8.49 -10.69
C PRO B 231 -9.15 -9.89 -10.51
N VAL B 232 -7.91 -10.06 -10.90
CA VAL B 232 -7.21 -11.37 -10.83
C VAL B 232 -6.12 -11.29 -9.77
N PHE B 233 -6.16 -12.18 -8.81
CA PHE B 233 -5.09 -12.39 -7.81
C PHE B 233 -4.21 -13.48 -8.36
N VAL B 234 -2.92 -13.36 -8.32
CA VAL B 234 -2.01 -14.45 -8.66
C VAL B 234 -1.56 -15.07 -7.36
N LYS B 235 -1.85 -16.35 -7.16
CA LYS B 235 -1.63 -17.09 -5.92
C LYS B 235 -0.46 -18.04 -6.07
N GLY B 236 0.43 -18.01 -5.07
CA GLY B 236 1.64 -18.83 -5.06
C GLY B 236 2.89 -18.03 -5.17
N ILE B 237 2.81 -16.74 -5.13
CA ILE B 237 3.99 -15.83 -5.24
C ILE B 237 4.80 -15.93 -3.94
N GLN B 238 6.12 -16.16 -4.10
CA GLN B 238 7.06 -16.20 -2.96
C GLN B 238 8.30 -15.35 -3.28
N HIS B 239 8.42 -14.81 -4.46
CA HIS B 239 9.62 -14.02 -4.86
C HIS B 239 9.16 -12.66 -5.30
N PRO B 240 9.85 -11.58 -4.91
CA PRO B 240 9.39 -10.24 -5.29
C PRO B 240 9.41 -9.94 -6.80
N GLU B 241 10.34 -10.53 -7.54
CA GLU B 241 10.39 -10.25 -8.99
C GLU B 241 9.15 -10.82 -9.63
N ASP B 242 8.68 -11.96 -9.19
CA ASP B 242 7.44 -12.55 -9.70
C ASP B 242 6.26 -11.64 -9.41
N ALA B 243 6.22 -11.06 -8.23
CA ALA B 243 5.15 -10.11 -7.90
C ALA B 243 5.18 -8.95 -8.90
N ASP B 244 6.35 -8.37 -9.16
CA ASP B 244 6.46 -7.25 -10.10
C ASP B 244 6.02 -7.68 -11.49
N MET B 245 6.49 -8.82 -11.95
CA MET B 245 6.11 -9.28 -13.30
C MET B 245 4.61 -9.55 -13.36
N ALA B 246 3.99 -10.09 -12.31
CA ALA B 246 2.56 -10.39 -12.31
C ALA B 246 1.77 -9.10 -12.39
N ILE B 247 2.15 -8.07 -11.64
CA ILE B 247 1.44 -6.77 -11.70
C ILE B 247 1.60 -6.14 -13.08
N LYS B 248 2.78 -6.22 -13.64
CA LYS B 248 3.01 -5.64 -14.98
C LYS B 248 2.17 -6.38 -16.01
N ARG B 249 1.85 -7.64 -15.80
CA ARG B 249 1.09 -8.48 -16.72
C ARG B 249 -0.38 -8.24 -16.50
N GLY B 250 -0.82 -7.53 -15.48
CA GLY B 250 -2.23 -7.17 -15.30
C GLY B 250 -2.88 -7.76 -14.08
N ALA B 251 -2.13 -8.39 -13.17
CA ALA B 251 -2.71 -8.87 -11.90
C ALA B 251 -3.27 -7.67 -11.12
N SER B 252 -4.39 -7.86 -10.46
CA SER B 252 -5.03 -6.86 -9.58
C SER B 252 -4.80 -7.16 -8.11
N GLY B 253 -4.02 -8.19 -7.82
CA GLY B 253 -3.70 -8.61 -6.46
C GLY B 253 -2.61 -9.64 -6.46
N ILE B 254 -1.88 -9.72 -5.37
CA ILE B 254 -0.82 -10.71 -5.17
C ILE B 254 -1.20 -11.56 -3.98
N TRP B 255 -1.21 -12.86 -4.14
CA TRP B 255 -1.58 -13.75 -3.05
C TRP B 255 -0.33 -14.58 -2.75
N VAL B 256 0.31 -14.14 -1.68
CA VAL B 256 1.58 -14.71 -1.19
C VAL B 256 1.25 -16.05 -0.52
N SER B 257 1.80 -17.12 -1.03
CA SER B 257 1.38 -18.47 -0.60
C SER B 257 2.43 -19.46 -1.05
N ASN B 258 2.56 -20.54 -0.28
CA ASN B 258 3.15 -21.79 -0.84
C ASN B 258 2.13 -22.92 -0.71
N HIS B 259 0.86 -22.55 -0.71
CA HIS B 259 -0.24 -23.51 -0.77
C HIS B 259 -0.12 -24.40 0.43
N GLY B 260 0.22 -23.89 1.59
CA GLY B 260 0.28 -24.73 2.80
C GLY B 260 1.35 -25.78 2.70
N ALA B 261 2.44 -25.45 2.03
CA ALA B 261 3.61 -26.32 1.84
C ALA B 261 3.29 -27.60 1.06
N ARG B 262 2.29 -27.51 0.19
CA ARG B 262 1.79 -28.70 -0.57
C ARG B 262 2.50 -28.88 -1.90
N GLN B 263 3.31 -27.91 -2.33
CA GLN B 263 4.00 -27.95 -3.63
C GLN B 263 5.52 -28.01 -3.38
N LEU B 264 6.24 -26.94 -3.58
CA LEU B 264 7.72 -27.02 -3.59
C LEU B 264 8.29 -27.30 -2.19
N TYR B 265 9.08 -28.34 -2.09
CA TYR B 265 9.75 -28.76 -0.85
C TYR B 265 11.09 -28.02 -0.70
N GLU B 266 11.53 -27.82 0.53
CA GLU B 266 12.85 -27.19 0.85
C GLU B 266 12.90 -25.75 0.33
N ALA B 267 11.76 -25.10 0.47
CA ALA B 267 11.47 -23.67 0.24
C ALA B 267 11.31 -22.99 1.59
N PRO B 268 11.36 -21.65 1.61
CA PRO B 268 11.16 -20.90 2.84
C PRO B 268 9.76 -21.02 3.42
N GLY B 269 9.66 -20.77 4.70
CA GLY B 269 8.35 -20.52 5.29
C GLY B 269 7.75 -19.32 4.66
N SER B 270 6.46 -19.34 4.36
CA SER B 270 5.81 -18.30 3.57
C SER B 270 5.93 -16.95 4.24
N PHE B 271 5.75 -16.85 5.55
CA PHE B 271 5.83 -15.53 6.21
C PHE B 271 7.20 -14.89 6.00
N ASP B 272 8.26 -15.68 5.90
CA ASP B 272 9.59 -15.05 5.72
C ASP B 272 9.68 -14.38 4.37
N THR B 273 8.86 -14.73 3.40
CA THR B 273 8.92 -14.14 2.04
C THR B 273 8.09 -12.87 1.93
N LEU B 274 7.22 -12.60 2.89
CA LEU B 274 6.20 -11.55 2.74
C LEU B 274 6.83 -10.18 2.70
N PRO B 275 7.70 -9.77 3.63
CA PRO B 275 8.12 -8.38 3.58
C PRO B 275 8.81 -8.02 2.27
N ALA B 276 9.64 -8.86 1.70
CA ALA B 276 10.33 -8.50 0.45
C ALA B 276 9.30 -8.32 -0.65
N ILE B 277 8.25 -9.13 -0.67
CA ILE B 277 7.21 -8.97 -1.69
C ILE B 277 6.45 -7.67 -1.42
N ALA B 278 6.05 -7.40 -0.19
CA ALA B 278 5.26 -6.21 0.11
C ALA B 278 6.07 -4.97 -0.27
N GLU B 279 7.38 -4.99 -0.02
CA GLU B 279 8.18 -3.79 -0.35
C GLU B 279 8.21 -3.59 -1.86
N ARG B 280 8.25 -4.66 -2.64
CA ARG B 280 8.31 -4.51 -4.11
C ARG B 280 6.92 -4.15 -4.65
N VAL B 281 5.87 -4.73 -4.10
CA VAL B 281 4.49 -4.38 -4.51
C VAL B 281 4.27 -2.90 -4.26
N ASN B 282 4.69 -2.43 -3.11
CA ASN B 282 4.69 -1.01 -2.76
C ASN B 282 3.32 -0.41 -3.07
N LYS B 283 2.28 -1.02 -2.52
CA LYS B 283 0.91 -0.48 -2.50
C LYS B 283 0.21 -0.59 -3.86
N ARG B 284 0.82 -1.17 -4.88
CA ARG B 284 0.21 -1.14 -6.21
C ARG B 284 -1.09 -1.92 -6.25
N VAL B 285 -1.14 -3.06 -5.58
CA VAL B 285 -2.31 -3.96 -5.56
C VAL B 285 -2.38 -4.50 -4.16
N PRO B 286 -3.57 -4.95 -3.73
CA PRO B 286 -3.72 -5.62 -2.46
C PRO B 286 -2.94 -6.93 -2.41
N ILE B 287 -2.54 -7.28 -1.19
CA ILE B 287 -1.82 -8.54 -0.90
C ILE B 287 -2.70 -9.38 0.01
N VAL B 288 -2.92 -10.59 -0.40
CA VAL B 288 -3.44 -11.65 0.48
C VAL B 288 -2.29 -12.52 0.89
N PHE B 289 -2.16 -12.85 2.16
CA PHE B 289 -1.11 -13.74 2.66
C PHE B 289 -1.70 -15.06 3.15
N ASP B 290 -1.10 -16.15 2.84
CA ASP B 290 -1.45 -17.37 3.56
C ASP B 290 -0.24 -18.29 3.68
N SER B 291 -0.47 -19.40 4.36
CA SER B 291 0.31 -20.62 4.51
C SER B 291 0.88 -20.57 5.90
N GLY B 292 0.15 -21.17 6.84
CA GLY B 292 0.61 -21.34 8.21
C GLY B 292 -0.10 -20.44 9.23
N VAL B 293 -1.10 -19.67 8.88
CA VAL B 293 -1.82 -18.83 9.86
C VAL B 293 -2.54 -19.72 10.86
N ARG B 294 -2.22 -19.61 12.13
CA ARG B 294 -2.81 -20.49 13.18
C ARG B 294 -3.33 -19.72 14.35
N ARG B 295 -2.93 -18.48 14.51
CA ARG B 295 -3.22 -17.69 15.73
C ARG B 295 -3.57 -16.27 15.34
N GLY B 296 -4.28 -15.51 16.16
CA GLY B 296 -4.49 -14.07 15.97
C GLY B 296 -3.19 -13.31 15.83
N GLU B 297 -2.17 -13.69 16.57
CA GLU B 297 -0.86 -13.04 16.48
C GLU B 297 -0.32 -13.15 15.05
N HIS B 298 -0.60 -14.23 14.35
CA HIS B 298 -0.14 -14.43 12.96
C HIS B 298 -0.87 -13.46 12.05
N VAL B 299 -2.16 -13.25 12.27
CA VAL B 299 -2.90 -12.28 11.43
C VAL B 299 -2.27 -10.90 11.63
N ALA B 300 -1.98 -10.56 12.87
CA ALA B 300 -1.41 -9.24 13.17
C ALA B 300 -0.03 -9.09 12.53
N LYS B 301 0.81 -10.07 12.62
CA LYS B 301 2.17 -10.01 12.04
C LYS B 301 2.08 -9.91 10.55
N ALA B 302 1.18 -10.63 9.90
CA ALA B 302 1.04 -10.52 8.42
C ALA B 302 0.63 -9.11 8.07
N LEU B 303 -0.31 -8.51 8.73
CA LEU B 303 -0.73 -7.11 8.45
C LEU B 303 0.43 -6.16 8.68
N ALA B 304 1.15 -6.33 9.77
CA ALA B 304 2.28 -5.44 10.06
C ALA B 304 3.37 -5.57 9.00
N SER B 305 3.39 -6.65 8.28
CA SER B 305 4.43 -6.97 7.28
C SER B 305 3.93 -6.74 5.86
N GLY B 306 2.77 -6.16 5.66
CA GLY B 306 2.33 -5.69 4.35
C GLY B 306 1.14 -6.41 3.77
N ALA B 307 0.58 -7.45 4.39
CA ALA B 307 -0.65 -8.07 3.88
C ALA B 307 -1.86 -7.18 4.15
N ASP B 308 -2.83 -7.20 3.25
CA ASP B 308 -4.12 -6.51 3.50
C ASP B 308 -5.05 -7.42 4.27
N VAL B 309 -5.02 -8.71 3.96
CA VAL B 309 -5.78 -9.76 4.69
C VAL B 309 -4.95 -11.01 4.65
N VAL B 310 -5.29 -11.98 5.47
CA VAL B 310 -4.75 -13.33 5.37
C VAL B 310 -5.84 -14.28 4.92
N ALA B 311 -5.47 -15.42 4.43
CA ALA B 311 -6.41 -16.51 4.15
C ALA B 311 -6.17 -17.62 5.12
N LEU B 312 -7.28 -18.20 5.53
CA LEU B 312 -7.27 -19.35 6.42
C LEU B 312 -7.62 -20.63 5.71
N GLY B 313 -6.95 -21.69 6.08
CA GLY B 313 -7.05 -22.95 5.36
C GLY B 313 -7.30 -24.09 6.32
N ARG B 314 -6.31 -24.89 6.59
CA ARG B 314 -6.47 -26.14 7.34
C ARG B 314 -7.29 -25.93 8.60
N PRO B 315 -7.09 -24.92 9.45
CA PRO B 315 -7.83 -24.86 10.72
C PRO B 315 -9.33 -24.77 10.46
N VAL B 316 -9.77 -24.10 9.41
CA VAL B 316 -11.23 -24.01 9.10
C VAL B 316 -11.73 -25.38 8.68
N LEU B 317 -10.99 -26.15 7.89
CA LEU B 317 -11.39 -27.52 7.48
C LEU B 317 -11.42 -28.42 8.69
N PHE B 318 -10.48 -28.33 9.60
CA PHE B 318 -10.54 -29.15 10.83
C PHE B 318 -11.78 -28.78 11.62
N GLY B 319 -12.10 -27.51 11.75
CA GLY B 319 -13.35 -27.08 12.40
C GLY B 319 -14.52 -27.71 11.69
N LEU B 320 -14.57 -27.68 10.39
CA LEU B 320 -15.69 -28.27 9.59
C LEU B 320 -15.77 -29.74 9.93
N ALA B 321 -14.68 -30.47 10.01
CA ALA B 321 -14.69 -31.91 10.32
C ALA B 321 -15.41 -32.11 11.65
N LEU B 322 -15.11 -31.28 12.63
CA LEU B 322 -15.49 -31.46 14.04
C LEU B 322 -16.91 -30.96 14.24
N GLY B 323 -17.48 -30.06 13.44
CA GLY B 323 -18.82 -29.50 13.71
C GLY B 323 -19.57 -28.96 12.54
N GLY B 324 -19.17 -29.28 11.30
CA GLY B 324 -19.88 -28.75 10.14
C GLY B 324 -19.82 -27.24 10.10
N TRP B 325 -20.80 -26.55 9.60
CA TRP B 325 -20.69 -25.08 9.46
C TRP B 325 -20.45 -24.49 10.84
N GLN B 326 -21.09 -24.95 11.90
CA GLN B 326 -20.94 -24.33 13.24
C GLN B 326 -19.50 -24.51 13.74
N GLY B 327 -18.87 -25.62 13.44
CA GLY B 327 -17.49 -25.92 13.83
C GLY B 327 -16.54 -25.01 13.05
N ALA B 328 -16.81 -24.80 11.79
CA ALA B 328 -15.98 -23.89 10.96
C ALA B 328 -16.21 -22.46 11.46
N TYR B 329 -17.42 -22.06 11.80
CA TYR B 329 -17.74 -20.75 12.33
C TYR B 329 -16.99 -20.57 13.64
N SER B 330 -16.91 -21.58 14.49
CA SER B 330 -16.21 -21.49 15.79
C SER B 330 -14.76 -21.08 15.51
N VAL B 331 -14.15 -21.63 14.48
CA VAL B 331 -12.72 -21.34 14.20
C VAL B 331 -12.63 -19.88 13.76
N LEU B 332 -13.50 -19.36 12.93
CA LEU B 332 -13.47 -17.95 12.48
C LEU B 332 -13.65 -17.08 13.71
N ASP B 333 -14.55 -17.44 14.62
CA ASP B 333 -14.83 -16.67 15.83
C ASP B 333 -13.58 -16.68 16.72
N TYR B 334 -12.93 -17.81 16.88
CA TYR B 334 -11.64 -17.93 17.61
C TYR B 334 -10.66 -16.88 17.06
N PHE B 335 -10.48 -16.83 15.75
CA PHE B 335 -9.46 -15.92 15.16
C PHE B 335 -9.86 -14.50 15.43
N GLN B 336 -11.13 -14.18 15.35
CA GLN B 336 -11.58 -12.80 15.53
C GLN B 336 -11.36 -12.38 16.98
N LYS B 337 -11.70 -13.24 17.93
CA LYS B 337 -11.54 -12.95 19.37
C LYS B 337 -10.05 -12.86 19.73
N ASP B 338 -9.23 -13.72 19.18
CA ASP B 338 -7.82 -13.71 19.52
C ASP B 338 -7.22 -12.44 18.92
N LEU B 339 -7.59 -12.11 17.71
CA LEU B 339 -7.08 -10.87 17.10
C LEU B 339 -7.48 -9.67 17.93
N THR B 340 -8.68 -9.64 18.51
CA THR B 340 -9.10 -8.50 19.34
C THR B 340 -8.16 -8.40 20.55
N ARG B 341 -7.81 -9.53 21.15
CA ARG B 341 -6.93 -9.51 22.33
C ARG B 341 -5.58 -8.95 21.91
N VAL B 342 -5.06 -9.36 20.75
CA VAL B 342 -3.75 -8.89 20.28
C VAL B 342 -3.83 -7.42 20.00
N MET B 343 -4.93 -6.93 19.46
CA MET B 343 -5.09 -5.49 19.26
C MET B 343 -5.01 -4.77 20.59
N GLN B 344 -5.67 -5.27 21.61
CA GLN B 344 -5.65 -4.59 22.93
C GLN B 344 -4.20 -4.51 23.46
N LEU B 345 -3.45 -5.59 23.33
CA LEU B 345 -2.08 -5.66 23.93
C LEU B 345 -1.07 -4.88 23.12
N THR B 346 -1.32 -4.68 21.85
CA THR B 346 -0.41 -3.91 20.98
C THR B 346 -0.84 -2.46 20.88
N GLY B 347 -1.86 -2.07 21.59
CA GLY B 347 -2.32 -0.67 21.57
C GLY B 347 -2.98 -0.31 20.28
N SER B 348 -3.57 -1.25 19.60
CA SER B 348 -4.19 -1.07 18.27
C SER B 348 -5.71 -0.97 18.40
N GLN B 349 -6.32 0.04 17.83
CA GLN B 349 -7.79 0.18 17.93
C GLN B 349 -8.47 -0.41 16.69
N ASN B 350 -7.76 -0.54 15.60
CA ASN B 350 -8.37 -0.94 14.32
C ASN B 350 -7.33 -1.70 13.48
N VAL B 351 -7.75 -2.22 12.35
CA VAL B 351 -6.86 -3.01 11.47
C VAL B 351 -5.75 -2.11 10.90
N GLU B 352 -6.04 -0.87 10.62
CA GLU B 352 -4.99 0.05 10.11
C GLU B 352 -3.89 0.15 11.14
N ASP B 353 -4.20 0.23 12.43
CA ASP B 353 -3.14 0.36 13.45
C ASP B 353 -2.26 -0.90 13.42
N LEU B 354 -2.81 -2.08 13.21
CA LEU B 354 -2.02 -3.32 13.07
C LEU B 354 -1.03 -3.21 11.93
N LYS B 355 -1.42 -2.57 10.84
CA LYS B 355 -0.49 -2.39 9.71
C LYS B 355 0.72 -1.56 10.11
N GLY B 356 0.59 -0.72 11.14
CA GLY B 356 1.67 0.12 11.63
C GLY B 356 2.54 -0.50 12.68
N LEU B 357 2.35 -1.74 13.07
CA LEU B 357 3.18 -2.30 14.15
C LEU B 357 4.65 -2.45 13.77
N ASP B 358 5.51 -2.19 14.75
CA ASP B 358 6.97 -2.50 14.71
C ASP B 358 7.12 -3.92 15.24
N LEU B 359 7.86 -4.78 14.57
CA LEU B 359 8.10 -6.16 15.06
C LEU B 359 9.55 -6.23 15.52
N PHE B 360 9.78 -7.07 16.49
CA PHE B 360 11.09 -7.39 17.05
C PHE B 360 11.71 -8.44 16.16
N ASP B 361 12.89 -8.18 15.62
CA ASP B 361 13.62 -9.19 14.81
C ASP B 361 14.31 -10.19 15.72
N ASN B 362 13.96 -11.47 15.64
CA ASN B 362 14.51 -12.55 16.43
C ASN B 362 15.49 -13.32 15.57
N PRO B 363 16.80 -13.08 15.70
CA PRO B 363 17.78 -13.78 14.85
C PRO B 363 18.05 -15.20 15.29
N TYR B 364 17.55 -15.59 16.46
CA TYR B 364 17.77 -16.93 17.01
C TYR B 364 16.75 -17.92 16.47
N GLY B 365 15.65 -17.43 15.94
CA GLY B 365 14.64 -18.38 15.41
C GLY B 365 13.91 -19.11 16.53
N TYR B 366 13.43 -20.30 16.21
CA TYR B 366 12.46 -21.04 17.03
C TYR B 366 13.01 -21.46 18.39
N GLU B 367 14.24 -22.00 18.50
CA GLU B 367 14.73 -22.49 19.80
C GLU B 367 15.24 -21.35 20.67
N TYR B 368 15.37 -20.15 20.09
CA TYR B 368 15.67 -18.94 20.89
C TYR B 368 17.02 -19.09 21.59
C ACT C . 10.54 29.67 5.94
O ACT C . 11.13 30.67 5.49
OXT ACT C . 11.04 28.54 5.91
CH3 ACT C . 9.13 29.85 6.52
N1 FMN D . 7.27 25.10 4.20
C2 FMN D . 6.06 25.34 4.74
O2 FMN D . 5.36 24.40 5.17
N3 FMN D . 5.56 26.61 4.76
C4 FMN D . 6.32 27.70 4.37
O4 FMN D . 5.77 28.85 4.36
C4A FMN D . 7.56 27.49 3.82
N5 FMN D . 8.28 28.50 3.35
C5A FMN D . 9.43 28.19 2.66
C6 FMN D . 10.18 29.23 2.10
C7 FMN D . 11.26 29.00 1.29
C7M FMN D . 11.98 30.14 0.63
C8 FMN D . 11.67 27.68 1.06
C8M FMN D . 12.86 27.36 0.20
C9 FMN D . 11.01 26.65 1.69
C9A FMN D . 9.87 26.86 2.47
N10 FMN D . 9.15 25.86 3.06
C10 FMN D . 7.98 26.12 3.74
C1' FMN D . 9.55 24.45 2.80
C2' FMN D . 8.97 23.93 1.49
O2' FMN D . 7.58 23.59 1.64
C3' FMN D . 9.64 22.64 1.05
O3' FMN D . 9.59 21.64 2.14
C4' FMN D . 11.08 22.77 0.63
O4' FMN D . 11.15 23.88 -0.30
C5' FMN D . 11.65 21.55 -0.06
O5' FMN D . 13.06 21.57 -0.25
P FMN D . 13.69 21.94 -1.68
O1P FMN D . 13.58 20.67 -2.55
O2P FMN D . 12.95 23.12 -2.14
O3P FMN D . 15.12 22.17 -1.44
C1 EDO E . 9.57 26.04 6.76
O1 EDO E . 10.70 26.34 7.55
C2 EDO E . 8.54 25.26 7.50
O2 EDO E . 8.10 25.88 8.69
C ACT F . -4.46 -29.77 -3.47
O ACT F . -3.53 -29.05 -3.02
OXT ACT F . -4.86 -30.78 -2.89
CH3 ACT F . -5.18 -29.33 -4.73
N1 FMN G . -4.97 -23.98 -3.17
C2 FMN G . -5.51 -23.70 -4.33
O2 FMN G . -5.28 -22.65 -4.92
N3 FMN G . -6.46 -24.55 -4.88
C4 FMN G . -6.73 -25.77 -4.33
O4 FMN G . -7.64 -26.45 -4.86
C4A FMN G . -6.20 -26.08 -3.10
N5 FMN G . -6.53 -27.23 -2.48
C5A FMN G . -6.03 -27.41 -1.22
C6 FMN G . -6.42 -28.56 -0.51
C7 FMN G . -6.08 -28.75 0.80
C7M FMN G . -6.61 -29.94 1.56
C8 FMN G . -5.27 -27.81 1.44
C8M FMN G . -4.86 -27.97 2.87
C9 FMN G . -4.80 -26.72 0.73
C9A FMN G . -5.18 -26.48 -0.58
N10 FMN G . -4.81 -25.34 -1.30
C10 FMN G . -5.30 -25.11 -2.54
C1' FMN G . -3.98 -24.31 -0.64
C2' FMN G . -4.80 -23.32 0.17
O2' FMN G . -5.50 -22.44 -0.68
C3' FMN G . -3.99 -22.49 1.18
O3' FMN G . -2.92 -21.83 0.38
C4' FMN G . -3.36 -23.27 2.28
O4' FMN G . -4.39 -24.11 2.87
C5' FMN G . -2.77 -22.38 3.34
O5' FMN G . -2.00 -23.13 4.29
P FMN G . -2.56 -23.51 5.75
O1P FMN G . -2.54 -22.24 6.58
O2P FMN G . -3.94 -24.12 5.51
O3P FMN G . -1.60 -24.47 6.28
C1 EDO H . -2.42 -26.48 -4.14
O1 EDO H . -1.44 -27.48 -4.34
C2 EDO H . -2.42 -25.54 -5.29
O2 EDO H . -1.98 -26.14 -6.52
#